data_8QYC
#
_entry.id   8QYC
#
_cell.length_a   1.00
_cell.length_b   1.00
_cell.length_c   1.00
_cell.angle_alpha   90.00
_cell.angle_beta   90.00
_cell.angle_gamma   90.00
#
_symmetry.space_group_name_H-M   'P 1'
#
loop_
_entity.id
_entity.type
_entity.pdbx_description
1 polymer 'DEAD/DEAH box helicase'
2 non-polymer 'PHOSPHOTHIOPHOSPHORIC ACID-ADENYLATE ESTER'
#
_entity_poly.entity_id   1
_entity_poly.type   'polypeptide(L)'
_entity_poly.pdbx_seq_one_letter_code
;MLKRLLSKLTGNRQQIEHHLKNQYQVEENGLSFPLSLVDDSQLWALASWLEQLAEEDYLISLTDRWLLSWEALYRLLEDE
EHASSLPLIGVPDILPLRASLSSRGALSDSDFRVWIAEWATFPARKPIRFSRTGAILTHDNQQYLLSRENWALLQATEQL
SAQQIQTPGETTNQLGWAAIRKCAKLAAAKFDDYLEKTHVIKPTSLSLRLRKATVADTAVIEIEPHFEDQPANWLGSFDK
NLQVHDSYRIPGENGELSHVIIPPEVKEVLNSIHSIPGRRVAGSEALSFVRNPYTFLGEDAASVIAPEEHEQALFDARIF
FHHFRLIPQLNTENKITEVTLILEPVSPVPQPEITFVFSAPWELDKFIQQLGISVAAQMPAGSWQGYELELSQFTEQQWH
DCQALLTRWQQEIEGKEFSDVLDIAKYGDRVIGIGEFEKISSPWLTKAQSENWLPDGIDFSAFSIETLSGWQPENPLHFD
ELQEIITQAEAAGETYITTPWNDSQLPLDAAKTFSKNWEKQQITANEYQGNVADKTARAVLKIEQNIEETAYIKQRRNSL
LNARHAEPEIPLSLKEHIRLKDHQREGVAWLQQLFLRSPEETAGCLLADDMGLGKTLQILSFLVWFIEKFPQEPPNLIVA
PVSLLDNWERELNNFFYTAGIPVLKLYGETIKAVKYPKQAIPAHLQSKGIKNLLKPGWQGEAKIILTTYETLRDQEFSLA
RQPWSIMVCDEAQKIKNPAALITHAANAVQARFKVACTGTPVENTLVDLWSLFDFAQPGLLGALNEFGKQYVRPIENEDG
RDTERLESLRALIEPQTLRRTKEEVARDLPQKIEVESCKQLTLSGVQKQLYLSSVANWQQQQALREGMQQAGTGMLGLLH
RLKLICAHPAIVNPEPRFRDNSPKLNWLLKILAEIKHTSKDKVIIFTELRDLQRELQHAIHQNFGFRPVIINGDSSTKSQ
SQNSRQRLIDDFQAQPGFGVIILSTVAVGFGVNVQKANHVIHFTRCWNPAKEDQATDRAYRIGQTKNVYVYYPTVRDTEI
TTFEETLDDLLQRRRALARDMLCATPDLNCADFETILKGA
;
_entity_poly.pdbx_strand_id   A
#
# COMPACT_ATOMS: atom_id res chain seq x y z
N LYS A 21 -26.44 22.59 25.53
CA LYS A 21 -25.80 23.50 24.60
C LYS A 21 -24.84 22.77 23.67
N ASN A 22 -24.96 23.02 22.38
CA ASN A 22 -24.07 22.42 21.38
C ASN A 22 -22.87 23.33 21.14
N GLN A 23 -21.71 22.72 21.00
CA GLN A 23 -20.47 23.46 20.78
C GLN A 23 -20.28 23.88 19.34
N TYR A 24 -21.14 23.44 18.44
CA TYR A 24 -21.01 23.70 17.01
C TYR A 24 -22.21 24.49 16.50
N GLN A 25 -21.98 25.22 15.41
CA GLN A 25 -23.05 25.89 14.68
C GLN A 25 -23.33 25.08 13.42
N VAL A 26 -24.58 24.62 13.28
CA VAL A 26 -24.96 23.79 12.15
C VAL A 26 -25.19 24.68 10.93
N GLU A 27 -24.60 24.29 9.80
CA GLU A 27 -24.80 25.00 8.55
C GLU A 27 -24.99 23.97 7.44
N GLU A 28 -25.28 24.47 6.24
CA GLU A 28 -25.65 23.59 5.13
C GLU A 28 -24.48 22.72 4.66
N ASN A 29 -23.24 23.07 5.01
CA ASN A 29 -22.08 22.33 4.56
C ASN A 29 -21.44 21.47 5.64
N GLY A 30 -21.90 21.56 6.87
CA GLY A 30 -21.37 20.73 7.94
C GLY A 30 -21.54 21.42 9.28
N LEU A 31 -20.87 20.86 10.28
CA LEU A 31 -20.82 21.46 11.61
C LEU A 31 -19.61 22.38 11.70
N SER A 32 -19.83 23.58 12.22
CA SER A 32 -18.81 24.61 12.26
C SER A 32 -18.42 24.91 13.71
N PHE A 33 -17.12 25.01 13.95
CA PHE A 33 -16.58 25.29 15.27
C PHE A 33 -15.77 26.59 15.23
N PRO A 34 -16.02 27.52 16.14
CA PRO A 34 -15.28 28.78 16.14
C PRO A 34 -13.82 28.57 16.52
N LEU A 35 -12.98 29.46 16.02
CA LEU A 35 -11.57 29.47 16.39
C LEU A 35 -11.33 29.99 17.80
N SER A 36 -12.33 30.63 18.41
CA SER A 36 -12.18 31.19 19.75
C SER A 36 -12.12 30.12 20.84
N LEU A 37 -12.41 28.86 20.50
CA LEU A 37 -12.36 27.81 21.51
C LEU A 37 -10.96 27.58 22.03
N VAL A 38 -9.94 27.85 21.20
CA VAL A 38 -8.56 27.72 21.67
C VAL A 38 -8.22 28.76 22.73
N ASP A 39 -8.99 29.84 22.81
CA ASP A 39 -8.77 30.88 23.81
C ASP A 39 -9.56 30.63 25.09
N ASP A 40 -10.32 29.54 25.16
CA ASP A 40 -11.08 29.19 26.35
C ASP A 40 -10.30 28.14 27.13
N SER A 41 -10.00 28.44 28.40
CA SER A 41 -9.23 27.52 29.22
C SER A 41 -10.06 26.34 29.71
N GLN A 42 -11.37 26.54 29.89
CA GLN A 42 -12.22 25.47 30.38
C GLN A 42 -12.52 24.44 29.29
N LEU A 43 -12.38 24.81 28.03
CA LEU A 43 -12.62 23.91 26.89
C LEU A 43 -11.31 23.45 26.26
N TRP A 44 -10.30 23.16 27.08
CA TRP A 44 -9.00 22.76 26.56
C TRP A 44 -9.09 21.46 25.77
N ALA A 45 -9.88 20.51 26.25
CA ALA A 45 -9.99 19.22 25.57
C ALA A 45 -10.61 19.38 24.18
N LEU A 46 -11.70 20.15 24.10
CA LEU A 46 -12.37 20.36 22.82
C LEU A 46 -11.46 21.10 21.85
N ALA A 47 -10.77 22.14 22.33
CA ALA A 47 -9.87 22.89 21.45
C ALA A 47 -8.73 22.02 20.96
N SER A 48 -8.14 21.22 21.85
CA SER A 48 -7.06 20.33 21.44
C SER A 48 -7.53 19.29 20.45
N TRP A 49 -8.73 18.73 20.63
CA TRP A 49 -9.22 17.76 19.68
C TRP A 49 -9.56 18.41 18.34
N LEU A 50 -10.05 19.65 18.36
CA LEU A 50 -10.27 20.36 17.11
C LEU A 50 -8.97 20.62 16.38
N GLU A 51 -7.90 20.95 17.11
CA GLU A 51 -6.60 21.09 16.48
C GLU A 51 -6.12 19.76 15.90
N GLN A 52 -6.36 18.66 16.61
CA GLN A 52 -6.02 17.34 16.09
C GLN A 52 -6.76 17.03 14.80
N LEU A 53 -8.08 17.30 14.78
CA LEU A 53 -8.88 17.06 13.59
C LEU A 53 -8.42 17.92 12.43
N ALA A 54 -8.10 19.19 12.71
CA ALA A 54 -7.59 20.07 11.66
C ALA A 54 -6.28 19.54 11.10
N GLU A 55 -5.40 19.05 11.97
CA GLU A 55 -4.15 18.45 11.51
C GLU A 55 -4.38 17.15 10.73
N GLU A 56 -5.46 16.43 11.02
CA GLU A 56 -5.76 15.16 10.37
C GLU A 56 -6.73 15.30 9.20
N ASP A 57 -6.84 16.49 8.62
CA ASP A 57 -7.66 16.77 7.44
C ASP A 57 -9.15 16.57 7.69
N TYR A 58 -9.58 16.57 8.96
CA TYR A 58 -10.99 16.43 9.28
C TYR A 58 -11.72 17.76 9.29
N LEU A 59 -11.01 18.86 9.52
CA LEU A 59 -11.61 20.18 9.61
C LEU A 59 -11.10 21.07 8.47
N ILE A 60 -11.97 21.93 7.97
CA ILE A 60 -11.64 22.90 6.93
C ILE A 60 -11.55 24.27 7.57
N SER A 61 -10.48 25.00 7.28
CA SER A 61 -10.25 26.31 7.87
C SER A 61 -11.02 27.36 7.07
N LEU A 62 -12.07 27.89 7.67
CA LEU A 62 -12.88 28.96 7.10
C LEU A 62 -12.48 30.29 7.73
N THR A 63 -13.26 31.33 7.47
CA THR A 63 -13.00 32.65 8.06
C THR A 63 -13.31 32.59 9.55
N ASP A 64 -12.28 32.42 10.36
CA ASP A 64 -12.38 32.39 11.82
C ASP A 64 -13.33 31.30 12.31
N ARG A 65 -13.37 30.16 11.63
CA ARG A 65 -14.16 29.03 12.10
C ARG A 65 -13.71 27.77 11.37
N TRP A 66 -13.71 26.65 12.09
CA TRP A 66 -13.45 25.35 11.49
C TRP A 66 -14.74 24.79 10.91
N LEU A 67 -14.61 24.01 9.85
CA LEU A 67 -15.75 23.36 9.20
C LEU A 67 -15.56 21.84 9.25
N LEU A 68 -16.52 21.15 9.86
CA LEU A 68 -16.58 19.69 9.82
C LEU A 68 -17.65 19.32 8.80
N SER A 69 -17.23 19.04 7.57
CA SER A 69 -18.17 18.71 6.52
C SER A 69 -18.87 17.39 6.83
N TRP A 70 -19.99 17.17 6.14
CA TRP A 70 -20.78 15.97 6.40
C TRP A 70 -20.01 14.71 6.03
N GLU A 71 -19.29 14.73 4.91
CA GLU A 71 -18.45 13.59 4.55
C GLU A 71 -17.37 13.36 5.61
N ALA A 72 -16.72 14.45 6.04
CA ALA A 72 -15.75 14.34 7.12
C ALA A 72 -16.41 13.90 8.42
N LEU A 73 -17.63 14.35 8.67
CA LEU A 73 -18.35 13.94 9.86
C LEU A 73 -18.59 12.43 9.87
N TYR A 74 -19.01 11.87 8.75
CA TYR A 74 -19.27 10.44 8.68
C TYR A 74 -17.97 9.64 8.75
N ARG A 75 -16.92 10.14 8.09
CA ARG A 75 -15.61 9.47 8.19
C ARG A 75 -15.11 9.48 9.64
N LEU A 76 -15.31 10.59 10.35
CA LEU A 76 -14.93 10.67 11.75
C LEU A 76 -15.75 9.70 12.60
N LEU A 77 -17.05 9.63 12.36
CA LEU A 77 -17.89 8.70 13.12
C LEU A 77 -17.50 7.25 12.85
N GLU A 78 -16.98 6.96 11.66
CA GLU A 78 -16.49 5.62 11.38
C GLU A 78 -15.06 5.40 11.82
N ASP A 79 -14.37 6.45 12.25
CA ASP A 79 -12.98 6.32 12.69
C ASP A 79 -12.93 5.87 14.14
N GLU A 80 -12.15 4.83 14.41
CA GLU A 80 -12.04 4.27 15.75
C GLU A 80 -10.97 4.95 16.59
N GLU A 81 -9.97 5.58 15.96
CA GLU A 81 -8.95 6.29 16.70
C GLU A 81 -9.51 7.52 17.40
N HIS A 82 -10.63 8.06 16.92
CA HIS A 82 -11.27 9.22 17.53
C HIS A 82 -12.58 8.87 18.21
N ALA A 83 -12.86 7.59 18.43
CA ALA A 83 -14.13 7.19 19.04
C ALA A 83 -14.25 7.70 20.47
N SER A 84 -13.14 7.69 21.21
CA SER A 84 -13.17 8.22 22.57
C SER A 84 -13.31 9.73 22.59
N SER A 85 -12.85 10.41 21.55
CA SER A 85 -12.92 11.86 21.47
C SER A 85 -14.26 12.37 20.97
N LEU A 86 -15.11 11.50 20.42
CA LEU A 86 -16.40 11.94 19.90
C LEU A 86 -17.30 12.60 20.95
N PRO A 87 -17.42 12.10 22.18
CA PRO A 87 -18.30 12.77 23.16
C PRO A 87 -17.95 14.22 23.46
N LEU A 88 -16.81 14.71 22.97
CA LEU A 88 -16.45 16.10 23.21
C LEU A 88 -17.42 17.07 22.54
N ILE A 89 -17.87 16.74 21.33
CA ILE A 89 -18.76 17.64 20.59
C ILE A 89 -20.19 17.17 20.73
N GLY A 90 -20.40 15.86 20.84
CA GLY A 90 -21.74 15.32 21.01
C GLY A 90 -22.58 15.38 19.74
N VAL A 91 -22.16 14.65 18.71
CA VAL A 91 -22.93 14.60 17.47
C VAL A 91 -24.26 13.93 17.74
N PRO A 92 -25.37 14.38 17.15
CA PRO A 92 -26.65 13.71 17.38
C PRO A 92 -26.63 12.28 16.87
N ASP A 93 -27.41 11.42 17.52
CA ASP A 93 -27.49 10.02 17.13
C ASP A 93 -28.15 9.88 15.77
N ILE A 94 -27.68 8.89 15.00
CA ILE A 94 -28.25 8.63 13.69
C ILE A 94 -29.64 8.04 13.86
N LEU A 95 -30.63 8.66 13.21
CA LEU A 95 -32.01 8.18 13.28
C LEU A 95 -32.25 7.17 12.17
N PRO A 96 -32.61 5.93 12.48
CA PRO A 96 -32.86 4.94 11.42
C PRO A 96 -34.03 5.33 10.54
N LEU A 97 -33.75 5.63 9.27
CA LEU A 97 -34.76 6.08 8.32
C LEU A 97 -34.60 5.35 7.01
N ARG A 98 -35.73 5.00 6.39
CA ARG A 98 -35.77 4.44 5.06
C ARG A 98 -36.57 5.37 4.15
N ALA A 99 -35.99 5.74 3.02
CA ALA A 99 -36.61 6.69 2.11
C ALA A 99 -37.54 5.99 1.14
N SER A 100 -38.56 6.72 0.69
CA SER A 100 -39.48 6.26 -0.33
C SER A 100 -39.41 7.21 -1.51
N LEU A 101 -39.05 6.69 -2.68
CA LEU A 101 -38.81 7.51 -3.86
C LEU A 101 -40.04 7.49 -4.77
N SER A 102 -40.46 8.67 -5.22
CA SER A 102 -41.52 8.82 -6.20
C SER A 102 -40.98 9.58 -7.41
N SER A 103 -41.72 9.51 -8.50
CA SER A 103 -41.30 10.15 -9.74
C SER A 103 -42.51 10.47 -10.60
N ARG A 104 -42.31 11.36 -11.55
CA ARG A 104 -43.31 11.70 -12.56
C ARG A 104 -42.67 11.70 -13.92
N GLY A 105 -43.40 11.19 -14.91
CA GLY A 105 -42.87 11.10 -16.26
C GLY A 105 -41.89 9.95 -16.41
N ALA A 106 -41.11 10.03 -17.49
CA ALA A 106 -40.12 9.02 -17.82
C ALA A 106 -38.77 9.69 -18.08
N LEU A 107 -37.73 8.87 -18.21
CA LEU A 107 -36.39 9.40 -18.46
C LEU A 107 -36.33 10.19 -19.76
N SER A 108 -37.16 9.83 -20.74
CA SER A 108 -37.17 10.55 -22.01
C SER A 108 -37.67 11.98 -21.82
N ASP A 109 -38.65 12.18 -20.95
CA ASP A 109 -39.21 13.50 -20.73
C ASP A 109 -38.15 14.43 -20.13
N SER A 110 -38.12 15.68 -20.62
CA SER A 110 -37.21 16.67 -20.07
C SER A 110 -37.71 17.21 -18.74
N ASP A 111 -38.98 16.95 -18.38
CA ASP A 111 -39.54 17.33 -17.11
C ASP A 111 -39.46 16.21 -16.08
N PHE A 112 -38.67 15.17 -16.35
CA PHE A 112 -38.50 14.07 -15.42
C PHE A 112 -37.89 14.58 -14.11
N ARG A 113 -38.37 14.04 -12.99
CA ARG A 113 -37.85 14.45 -11.69
C ARG A 113 -38.10 13.33 -10.68
N VAL A 114 -37.08 13.04 -9.87
CA VAL A 114 -37.16 12.06 -8.80
C VAL A 114 -36.97 12.78 -7.48
N TRP A 115 -37.90 12.58 -6.56
CA TRP A 115 -37.85 13.18 -5.24
C TRP A 115 -38.15 12.11 -4.19
N ILE A 116 -37.65 12.32 -2.98
CA ILE A 116 -37.93 11.43 -1.87
C ILE A 116 -39.32 11.78 -1.34
N ALA A 117 -40.29 10.91 -1.60
CA ALA A 117 -41.67 11.21 -1.28
C ALA A 117 -41.87 11.32 0.24
N GLU A 118 -41.28 10.40 0.99
CA GLU A 118 -41.47 10.39 2.44
C GLU A 118 -40.32 9.66 3.10
N TRP A 119 -40.18 9.88 4.41
CA TRP A 119 -39.25 9.15 5.25
C TRP A 119 -40.04 8.36 6.28
N ALA A 120 -39.50 7.20 6.65
CA ALA A 120 -40.16 6.36 7.63
C ALA A 120 -39.12 5.70 8.52
N THR A 121 -39.53 5.38 9.75
CA THR A 121 -38.68 4.63 10.65
C THR A 121 -38.44 3.23 10.09
N PHE A 122 -37.20 2.75 10.21
CA PHE A 122 -36.87 1.45 9.64
C PHE A 122 -37.66 0.30 10.26
N PRO A 123 -37.74 0.14 11.59
CA PRO A 123 -38.56 -0.95 12.14
C PRO A 123 -40.05 -0.63 12.19
N ALA A 124 -40.38 0.65 12.44
CA ALA A 124 -41.78 1.01 12.67
C ALA A 124 -42.53 1.34 11.38
N ARG A 125 -41.81 1.81 10.35
CA ARG A 125 -42.42 2.21 9.07
C ARG A 125 -43.47 3.30 9.28
N LYS A 126 -43.21 4.21 10.23
CA LYS A 126 -44.09 5.34 10.48
C LYS A 126 -43.60 6.55 9.69
N PRO A 127 -44.43 7.16 8.86
CA PRO A 127 -44.01 8.38 8.17
C PRO A 127 -43.64 9.48 9.15
N ILE A 128 -42.54 10.17 8.85
CA ILE A 128 -42.03 11.24 9.71
C ILE A 128 -41.73 12.46 8.85
N ARG A 129 -42.01 13.65 9.40
CA ARG A 129 -41.61 14.90 8.80
C ARG A 129 -40.56 15.57 9.68
N PHE A 130 -39.54 16.16 9.05
CA PHE A 130 -38.42 16.74 9.76
C PHE A 130 -38.21 18.19 9.34
N SER A 131 -37.29 18.85 10.05
CA SER A 131 -36.67 20.09 9.61
C SER A 131 -35.19 19.81 9.48
N ARG A 132 -34.66 19.96 8.27
CA ARG A 132 -33.32 19.47 7.95
C ARG A 132 -32.41 20.63 7.59
N THR A 133 -31.22 20.64 8.18
CA THR A 133 -30.17 21.60 7.85
C THR A 133 -28.92 20.77 7.55
N GLY A 134 -28.61 20.60 6.27
CA GLY A 134 -27.52 19.70 5.92
C GLY A 134 -27.93 18.26 6.20
N ALA A 135 -27.08 17.54 6.93
CA ALA A 135 -27.37 16.19 7.34
C ALA A 135 -28.01 16.10 8.71
N ILE A 136 -28.11 17.21 9.44
CA ILE A 136 -28.69 17.21 10.78
C ILE A 136 -30.20 17.37 10.68
N LEU A 137 -30.93 16.44 11.28
CA LEU A 137 -32.38 16.49 11.29
C LEU A 137 -32.88 17.27 12.50
N THR A 138 -34.19 17.50 12.54
CA THR A 138 -34.85 18.10 13.70
C THR A 138 -36.28 17.61 13.69
N HIS A 139 -36.57 16.58 14.50
CA HIS A 139 -37.89 15.98 14.52
C HIS A 139 -38.84 16.78 15.39
N ASP A 140 -38.57 16.85 16.70
CA ASP A 140 -39.39 17.63 17.62
C ASP A 140 -38.48 18.08 18.77
N ASN A 141 -37.93 19.29 18.62
CA ASN A 141 -37.00 19.86 19.61
C ASN A 141 -35.87 18.90 19.93
N GLN A 142 -35.52 18.03 18.98
CA GLN A 142 -34.46 17.05 19.17
C GLN A 142 -33.75 16.83 17.84
N GLN A 143 -32.48 17.16 17.78
CA GLN A 143 -31.69 17.03 16.57
C GLN A 143 -31.22 15.59 16.41
N TYR A 144 -31.33 15.08 15.18
CA TYR A 144 -30.87 13.75 14.83
C TYR A 144 -29.86 13.86 13.69
N LEU A 145 -29.35 12.71 13.27
CA LEU A 145 -28.42 12.63 12.15
C LEU A 145 -28.96 11.70 11.09
N LEU A 146 -28.71 12.06 9.83
CA LEU A 146 -29.02 11.17 8.72
C LEU A 146 -27.93 10.12 8.58
N SER A 147 -28.34 8.91 8.23
CA SER A 147 -27.38 7.86 7.92
C SER A 147 -26.53 8.29 6.72
N ARG A 148 -25.33 7.72 6.63
CA ARG A 148 -24.44 8.05 5.52
C ARG A 148 -25.07 7.66 4.19
N GLU A 149 -25.75 6.51 4.16
CA GLU A 149 -26.43 6.09 2.94
C GLU A 149 -27.62 6.99 2.62
N ASN A 150 -28.41 7.33 3.63
CA ASN A 150 -29.53 8.24 3.41
C ASN A 150 -29.05 9.63 3.00
N TRP A 151 -27.96 10.11 3.61
CA TRP A 151 -27.41 11.39 3.22
C TRP A 151 -26.90 11.36 1.78
N ALA A 152 -26.25 10.26 1.37
CA ALA A 152 -25.80 10.13 0.00
C ALA A 152 -26.99 10.08 -0.97
N LEU A 153 -28.07 9.41 -0.60
CA LEU A 153 -29.26 9.37 -1.44
C LEU A 153 -29.86 10.77 -1.60
N LEU A 154 -29.96 11.51 -0.49
CA LEU A 154 -30.46 12.88 -0.57
C LEU A 154 -29.56 13.76 -1.43
N GLN A 155 -28.24 13.58 -1.29
CA GLN A 155 -27.30 14.32 -2.11
C GLN A 155 -27.49 14.01 -3.59
N ALA A 156 -27.70 12.74 -3.93
CA ALA A 156 -27.91 12.36 -5.32
C ALA A 156 -29.19 12.96 -5.87
N THR A 157 -30.28 12.92 -5.09
CA THR A 157 -31.54 13.50 -5.56
C THR A 157 -31.41 15.01 -5.76
N GLU A 158 -30.79 15.70 -4.79
CA GLU A 158 -30.61 17.14 -4.92
C GLU A 158 -29.68 17.49 -6.08
N GLN A 159 -28.67 16.66 -6.33
CA GLN A 159 -27.77 16.90 -7.45
C GLN A 159 -28.49 16.71 -8.78
N LEU A 160 -29.37 15.70 -8.87
CA LEU A 160 -30.17 15.55 -10.08
C LEU A 160 -31.08 16.75 -10.28
N SER A 161 -31.71 17.22 -9.19
CA SER A 161 -32.59 18.39 -9.31
C SER A 161 -31.80 19.62 -9.75
N ALA A 162 -30.59 19.81 -9.23
CA ALA A 162 -29.78 20.95 -9.61
C ALA A 162 -29.28 20.84 -11.04
N GLN A 163 -28.96 19.62 -11.49
CA GLN A 163 -28.46 19.43 -12.84
C GLN A 163 -29.57 19.54 -13.89
N GLN A 164 -30.81 19.21 -13.52
CA GLN A 164 -31.89 19.26 -14.49
C GLN A 164 -32.23 20.69 -14.88
N ILE A 165 -32.21 21.62 -13.92
CA ILE A 165 -32.49 23.02 -14.24
C ILE A 165 -31.36 23.68 -15.02
N GLN A 166 -30.21 23.00 -15.17
CA GLN A 166 -29.09 23.52 -15.94
C GLN A 166 -29.05 22.92 -17.34
N THR A 167 -29.02 21.60 -17.44
CA THR A 167 -28.96 20.89 -18.72
C THR A 167 -30.03 19.79 -18.74
N PRO A 168 -31.29 20.16 -18.91
CA PRO A 168 -32.34 19.14 -18.99
C PRO A 168 -32.20 18.29 -20.23
N GLY A 169 -32.59 17.03 -20.11
CA GLY A 169 -32.52 16.12 -21.24
C GLY A 169 -32.48 14.67 -20.79
N GLU A 170 -32.30 13.79 -21.77
CA GLU A 170 -32.28 12.36 -21.51
C GLU A 170 -31.03 11.95 -20.74
N THR A 171 -29.86 12.43 -21.18
CA THR A 171 -28.61 12.02 -20.55
C THR A 171 -28.54 12.45 -19.10
N THR A 172 -28.99 13.68 -18.81
CA THR A 172 -28.98 14.15 -17.43
C THR A 172 -29.86 13.29 -16.55
N ASN A 173 -31.07 12.98 -17.02
CA ASN A 173 -31.97 12.12 -16.24
C ASN A 173 -31.37 10.76 -16.01
N GLN A 174 -30.77 10.17 -17.07
CA GLN A 174 -30.22 8.82 -16.93
C GLN A 174 -29.05 8.79 -15.95
N LEU A 175 -28.12 9.73 -16.07
CA LEU A 175 -26.97 9.74 -15.16
C LEU A 175 -27.40 10.03 -13.73
N GLY A 176 -28.25 11.05 -13.55
CA GLY A 176 -28.69 11.41 -12.22
C GLY A 176 -29.43 10.29 -11.53
N TRP A 177 -30.34 9.63 -12.25
CA TRP A 177 -31.07 8.56 -11.62
C TRP A 177 -30.27 7.27 -11.53
N ALA A 178 -29.21 7.09 -12.33
CA ALA A 178 -28.29 6.00 -12.08
C ALA A 178 -27.62 6.19 -10.72
N ALA A 179 -27.13 7.39 -10.46
CA ALA A 179 -26.55 7.68 -9.15
C ALA A 179 -27.60 7.52 -8.04
N ILE A 180 -28.81 8.01 -8.27
CA ILE A 180 -29.88 7.91 -7.28
C ILE A 180 -30.20 6.46 -6.98
N ARG A 181 -30.30 5.62 -8.02
CA ARG A 181 -30.64 4.22 -7.81
C ARG A 181 -29.52 3.48 -7.08
N LYS A 182 -28.26 3.79 -7.41
CA LYS A 182 -27.16 3.18 -6.67
C LYS A 182 -27.23 3.55 -5.19
N CYS A 183 -27.45 4.84 -4.91
CA CYS A 183 -27.53 5.28 -3.52
C CYS A 183 -28.72 4.66 -2.80
N ALA A 184 -29.84 4.51 -3.52
CA ALA A 184 -31.05 3.97 -2.91
C ALA A 184 -30.92 2.47 -2.63
N LYS A 185 -30.24 1.75 -3.51
CA LYS A 185 -29.92 0.36 -3.23
C LYS A 185 -28.99 0.26 -2.02
N LEU A 186 -28.01 1.16 -1.92
CA LEU A 186 -27.17 1.20 -0.74
C LEU A 186 -27.95 1.62 0.50
N ALA A 187 -28.92 2.52 0.34
CA ALA A 187 -29.70 3.03 1.45
C ALA A 187 -30.99 2.24 1.69
N ALA A 188 -31.22 1.18 0.91
CA ALA A 188 -32.42 0.34 1.05
C ALA A 188 -33.70 1.17 0.93
N ALA A 189 -33.72 2.10 -0.03
CA ALA A 189 -34.89 2.93 -0.26
C ALA A 189 -35.89 2.20 -1.16
N LYS A 190 -37.15 2.58 -1.04
CA LYS A 190 -38.24 1.99 -1.81
C LYS A 190 -38.55 2.86 -3.02
N PHE A 191 -38.59 2.23 -4.20
CA PHE A 191 -38.98 2.91 -5.43
C PHE A 191 -40.48 2.75 -5.66
N ASP A 192 -41.03 3.64 -6.49
CA ASP A 192 -42.42 3.53 -6.88
C ASP A 192 -42.52 2.55 -8.06
N ASP A 193 -43.69 2.52 -8.71
CA ASP A 193 -43.91 1.54 -9.77
C ASP A 193 -42.97 1.74 -10.95
N TYR A 194 -42.78 2.99 -11.38
CA TYR A 194 -41.97 3.25 -12.57
C TYR A 194 -40.49 3.05 -12.28
N LEU A 195 -40.00 3.59 -11.17
CA LEU A 195 -38.57 3.52 -10.88
C LEU A 195 -38.13 2.09 -10.58
N GLU A 196 -39.04 1.24 -10.07
CA GLU A 196 -38.70 -0.16 -9.87
C GLU A 196 -38.45 -0.86 -11.20
N LYS A 197 -39.29 -0.58 -12.20
CA LYS A 197 -39.12 -1.21 -13.51
C LYS A 197 -37.96 -0.61 -14.28
N THR A 198 -37.65 0.66 -14.07
CA THR A 198 -36.55 1.30 -14.76
C THR A 198 -35.22 0.93 -14.12
N HIS A 199 -34.23 0.64 -14.95
CA HIS A 199 -32.89 0.31 -14.48
C HIS A 199 -31.88 1.10 -15.30
N VAL A 200 -31.05 1.89 -14.63
CA VAL A 200 -29.93 2.58 -15.25
C VAL A 200 -28.68 2.26 -14.46
N ILE A 201 -27.70 1.65 -15.12
CA ILE A 201 -26.45 1.25 -14.50
C ILE A 201 -25.30 1.91 -15.24
N LYS A 202 -24.42 2.58 -14.51
CA LYS A 202 -23.21 3.16 -15.09
C LYS A 202 -22.01 2.51 -14.42
N PRO A 203 -21.43 1.46 -15.03
CA PRO A 203 -20.28 0.80 -14.39
C PRO A 203 -19.11 1.75 -14.24
N THR A 204 -18.46 1.67 -13.08
CA THR A 204 -17.22 2.39 -12.81
C THR A 204 -16.01 1.47 -12.78
N SER A 205 -16.16 0.28 -12.20
CA SER A 205 -15.14 -0.74 -12.20
C SER A 205 -15.64 -1.96 -12.95
N LEU A 206 -14.70 -2.80 -13.40
CA LEU A 206 -15.03 -3.97 -14.20
C LEU A 206 -14.40 -5.20 -13.58
N SER A 207 -15.09 -6.33 -13.71
CA SER A 207 -14.62 -7.61 -13.22
C SER A 207 -14.45 -8.56 -14.40
N LEU A 208 -13.29 -9.20 -14.47
CA LEU A 208 -12.97 -10.14 -15.54
C LEU A 208 -13.06 -11.56 -14.99
N ARG A 209 -14.00 -12.34 -15.51
CA ARG A 209 -14.19 -13.72 -15.08
C ARG A 209 -13.43 -14.64 -16.02
N LEU A 210 -12.36 -15.25 -15.51
CA LEU A 210 -11.50 -16.11 -16.31
C LEU A 210 -11.82 -17.57 -16.02
N ARG A 211 -11.91 -18.37 -17.09
CA ARG A 211 -12.26 -19.78 -16.96
C ARG A 211 -11.64 -20.53 -18.13
N LYS A 212 -10.77 -21.49 -17.83
CA LYS A 212 -10.10 -22.24 -18.89
C LYS A 212 -11.07 -23.16 -19.60
N ALA A 213 -10.93 -23.24 -20.92
CA ALA A 213 -11.80 -24.06 -21.76
C ALA A 213 -10.96 -24.73 -22.83
N THR A 214 -11.57 -25.68 -23.53
CA THR A 214 -10.89 -26.45 -24.58
C THR A 214 -11.66 -26.36 -25.89
N VAL A 215 -12.06 -25.14 -26.26
CA VAL A 215 -12.80 -24.94 -27.50
C VAL A 215 -11.94 -25.28 -28.71
N ALA A 216 -10.70 -24.83 -28.73
CA ALA A 216 -9.81 -25.06 -29.87
C ALA A 216 -9.17 -26.43 -29.76
N ASP A 217 -8.17 -26.70 -30.60
CA ASP A 217 -7.43 -27.96 -30.51
C ASP A 217 -6.74 -28.08 -29.16
N THR A 218 -6.13 -27.01 -28.70
CA THR A 218 -5.58 -26.93 -27.35
C THR A 218 -6.53 -26.11 -26.48
N ALA A 219 -6.19 -25.98 -25.20
CA ALA A 219 -7.05 -25.27 -24.27
C ALA A 219 -7.06 -23.78 -24.56
N VAL A 220 -8.17 -23.14 -24.21
CA VAL A 220 -8.34 -21.70 -24.35
C VAL A 220 -8.85 -21.15 -23.02
N ILE A 221 -8.90 -19.82 -22.94
CA ILE A 221 -9.38 -19.10 -21.77
C ILE A 221 -10.51 -18.18 -22.20
N GLU A 222 -11.61 -18.19 -21.47
CA GLU A 222 -12.75 -17.35 -21.78
C GLU A 222 -12.77 -16.14 -20.84
N ILE A 223 -12.97 -14.96 -21.41
CA ILE A 223 -13.06 -13.72 -20.65
C ILE A 223 -14.51 -13.28 -20.64
N GLU A 224 -15.03 -12.97 -19.46
CA GLU A 224 -16.41 -12.51 -19.29
C GLU A 224 -16.43 -11.26 -18.43
N PRO A 225 -16.56 -10.08 -19.03
CA PRO A 225 -16.67 -8.86 -18.21
C PRO A 225 -17.93 -8.88 -17.36
N HIS A 226 -17.84 -8.25 -16.19
CA HIS A 226 -18.94 -8.29 -15.24
C HIS A 226 -19.00 -6.95 -14.50
N PHE A 227 -20.20 -6.44 -14.33
CA PHE A 227 -20.42 -5.20 -13.59
C PHE A 227 -20.75 -5.52 -12.14
N GLU A 228 -20.93 -4.46 -11.35
CA GLU A 228 -21.48 -4.63 -10.01
C GLU A 228 -22.94 -5.09 -10.07
N ASP A 229 -23.72 -4.50 -10.99
CA ASP A 229 -25.15 -4.77 -11.13
C ASP A 229 -25.50 -4.98 -12.61
N GLN A 230 -24.75 -5.83 -13.28
CA GLN A 230 -24.93 -6.04 -14.71
C GLN A 230 -26.32 -6.63 -14.98
N PRO A 231 -27.00 -6.17 -16.04
CA PRO A 231 -28.26 -6.79 -16.43
C PRO A 231 -28.07 -8.23 -16.88
N ALA A 232 -29.16 -9.00 -16.80
CA ALA A 232 -29.08 -10.42 -17.11
C ALA A 232 -28.74 -10.67 -18.58
N ASN A 233 -29.14 -9.77 -19.47
CA ASN A 233 -28.95 -9.98 -20.91
C ASN A 233 -28.00 -8.95 -21.52
N TRP A 234 -27.17 -8.28 -20.72
CA TRP A 234 -26.25 -7.31 -21.28
C TRP A 234 -25.16 -7.98 -22.10
N LEU A 235 -24.68 -9.14 -21.65
CA LEU A 235 -23.55 -9.79 -22.33
C LEU A 235 -23.94 -10.23 -23.73
N GLY A 236 -25.18 -10.68 -23.93
CA GLY A 236 -25.62 -11.06 -25.26
C GLY A 236 -25.58 -9.90 -26.24
N SER A 237 -26.11 -8.75 -25.82
CA SER A 237 -26.07 -7.56 -26.69
C SER A 237 -24.65 -7.07 -26.89
N PHE A 238 -23.82 -7.17 -25.85
CA PHE A 238 -22.41 -6.79 -25.97
C PHE A 238 -21.70 -7.64 -27.00
N ASP A 239 -21.99 -8.94 -27.02
CA ASP A 239 -21.37 -9.83 -28.01
C ASP A 239 -21.93 -9.59 -29.41
N LYS A 240 -23.25 -9.36 -29.51
CA LYS A 240 -23.87 -9.21 -30.83
C LYS A 240 -23.34 -7.99 -31.57
N ASN A 241 -23.20 -6.87 -30.88
CA ASN A 241 -22.78 -5.64 -31.53
C ASN A 241 -21.34 -5.73 -32.00
N LEU A 242 -21.07 -5.15 -33.17
CA LEU A 242 -19.72 -5.13 -33.72
C LEU A 242 -18.81 -4.14 -33.01
N GLN A 243 -19.39 -3.21 -32.23
CA GLN A 243 -18.62 -2.20 -31.52
C GLN A 243 -19.15 -2.08 -30.10
N VAL A 244 -18.31 -1.59 -29.21
CA VAL A 244 -18.74 -1.29 -27.84
C VAL A 244 -19.48 0.04 -27.85
N HIS A 245 -20.68 0.05 -27.30
CA HIS A 245 -21.53 1.24 -27.32
C HIS A 245 -21.36 2.04 -26.04
N ASP A 246 -21.51 3.36 -26.17
CA ASP A 246 -21.52 4.22 -24.99
C ASP A 246 -22.75 3.98 -24.14
N SER A 247 -23.81 3.44 -24.75
CA SER A 247 -25.06 3.18 -24.03
C SER A 247 -25.69 1.92 -24.58
N TYR A 248 -26.24 1.11 -23.69
CA TYR A 248 -26.94 -0.13 -24.05
C TYR A 248 -28.36 -0.09 -23.48
N ARG A 249 -29.32 -0.55 -24.27
CA ARG A 249 -30.71 -0.65 -23.86
C ARG A 249 -31.11 -2.11 -23.91
N ILE A 250 -31.26 -2.73 -22.74
CA ILE A 250 -31.49 -4.17 -22.64
C ILE A 250 -32.87 -4.44 -22.05
N PRO A 251 -33.84 -4.91 -22.85
CA PRO A 251 -35.13 -5.31 -22.28
C PRO A 251 -34.96 -6.46 -21.30
N GLY A 252 -35.78 -6.45 -20.25
CA GLY A 252 -35.73 -7.45 -19.21
C GLY A 252 -36.91 -8.41 -19.33
N GLU A 253 -36.70 -9.64 -18.85
CA GLU A 253 -37.74 -10.67 -18.93
C GLU A 253 -38.90 -10.43 -17.98
N ASN A 254 -38.75 -9.50 -17.03
CA ASN A 254 -39.81 -9.19 -16.07
C ASN A 254 -40.67 -8.01 -16.51
N GLY A 255 -40.69 -7.71 -17.81
CA GLY A 255 -41.39 -6.54 -18.29
C GLY A 255 -40.67 -5.24 -18.05
N GLU A 256 -39.40 -5.28 -17.66
CA GLU A 256 -38.62 -4.11 -17.33
C GLU A 256 -37.70 -3.73 -18.48
N LEU A 257 -36.98 -2.63 -18.29
CA LEU A 257 -35.99 -2.16 -19.26
C LEU A 257 -34.75 -1.70 -18.50
N SER A 258 -33.58 -2.11 -18.99
CA SER A 258 -32.31 -1.81 -18.35
C SER A 258 -31.44 -0.97 -19.27
N HIS A 259 -30.85 0.08 -18.72
CA HIS A 259 -29.94 0.95 -19.45
C HIS A 259 -28.55 0.82 -18.84
N VAL A 260 -27.54 0.72 -19.70
CA VAL A 260 -26.15 0.64 -19.28
C VAL A 260 -25.38 1.76 -19.97
N ILE A 261 -24.71 2.60 -19.19
CA ILE A 261 -23.93 3.71 -19.70
C ILE A 261 -22.47 3.40 -19.44
N ILE A 262 -21.66 3.37 -20.50
CA ILE A 262 -20.27 2.92 -20.43
C ILE A 262 -19.36 4.15 -20.45
N PRO A 263 -18.68 4.47 -19.36
CA PRO A 263 -17.71 5.58 -19.38
C PRO A 263 -16.53 5.24 -20.27
N PRO A 264 -15.80 6.25 -20.77
CA PRO A 264 -14.67 5.95 -21.66
C PRO A 264 -13.60 5.09 -21.03
N GLU A 265 -13.32 5.24 -19.73
CA GLU A 265 -12.33 4.40 -19.09
C GLU A 265 -12.76 2.94 -19.08
N VAL A 266 -14.05 2.69 -18.82
CA VAL A 266 -14.58 1.34 -18.95
C VAL A 266 -14.69 0.96 -20.42
N LYS A 267 -14.93 1.93 -21.29
CA LYS A 267 -15.12 1.63 -22.71
C LYS A 267 -13.85 1.13 -23.38
N GLU A 268 -12.68 1.65 -22.99
CA GLU A 268 -11.44 1.13 -23.55
C GLU A 268 -11.21 -0.32 -23.15
N VAL A 269 -11.46 -0.65 -21.89
CA VAL A 269 -11.33 -2.04 -21.43
C VAL A 269 -12.33 -2.93 -22.17
N LEU A 270 -13.56 -2.45 -22.35
CA LEU A 270 -14.54 -3.24 -23.08
C LEU A 270 -14.18 -3.38 -24.55
N ASN A 271 -13.51 -2.38 -25.14
CA ASN A 271 -13.01 -2.51 -26.50
C ASN A 271 -11.96 -3.61 -26.57
N SER A 272 -11.04 -3.63 -25.61
CA SER A 272 -10.00 -4.65 -25.60
C SER A 272 -10.60 -6.04 -25.42
N ILE A 273 -11.59 -6.17 -24.55
CA ILE A 273 -12.25 -7.46 -24.33
C ILE A 273 -13.06 -7.87 -25.55
N HIS A 274 -13.69 -6.90 -26.22
CA HIS A 274 -14.53 -7.18 -27.37
C HIS A 274 -13.73 -7.52 -28.62
N SER A 275 -12.52 -6.97 -28.74
CA SER A 275 -11.67 -7.26 -29.88
C SER A 275 -11.19 -8.71 -29.90
N ILE A 276 -11.26 -9.39 -28.77
CA ILE A 276 -10.89 -10.81 -28.69
C ILE A 276 -12.02 -11.62 -29.31
N PRO A 277 -11.75 -12.40 -30.36
CA PRO A 277 -12.84 -13.12 -31.06
C PRO A 277 -13.51 -14.14 -30.15
N GLY A 278 -14.82 -14.01 -30.00
CA GLY A 278 -15.58 -14.93 -29.18
C GLY A 278 -15.29 -14.85 -27.70
N ARG A 279 -14.52 -13.84 -27.26
CA ARG A 279 -14.08 -13.72 -25.87
C ARG A 279 -13.37 -14.99 -25.41
N ARG A 280 -12.61 -15.59 -26.32
CA ARG A 280 -11.81 -16.77 -26.02
C ARG A 280 -10.35 -16.44 -26.25
N VAL A 281 -9.51 -16.70 -25.25
CA VAL A 281 -8.13 -16.26 -25.24
C VAL A 281 -7.27 -17.35 -25.87
N ALA A 282 -6.89 -17.15 -27.13
CA ALA A 282 -5.97 -18.04 -27.82
C ALA A 282 -4.96 -17.17 -28.56
N GLY A 283 -3.68 -17.51 -28.41
CA GLY A 283 -2.61 -16.75 -29.03
C GLY A 283 -1.80 -15.97 -28.01
N SER A 284 -0.72 -15.37 -28.51
CA SER A 284 0.21 -14.67 -27.64
C SER A 284 -0.33 -13.31 -27.20
N GLU A 285 -1.03 -12.60 -28.09
CA GLU A 285 -1.49 -11.25 -27.76
C GLU A 285 -2.61 -11.31 -26.72
N ALA A 286 -3.59 -12.18 -26.93
CA ALA A 286 -4.69 -12.29 -25.97
C ALA A 286 -4.21 -12.81 -24.62
N LEU A 287 -3.30 -13.78 -24.63
CA LEU A 287 -2.76 -14.29 -23.38
C LEU A 287 -1.88 -13.27 -22.69
N SER A 288 -1.22 -12.39 -23.45
CA SER A 288 -0.47 -11.30 -22.84
C SER A 288 -1.40 -10.27 -22.22
N PHE A 289 -2.54 -10.02 -22.87
CA PHE A 289 -3.55 -9.15 -22.27
C PHE A 289 -4.09 -9.74 -20.97
N VAL A 290 -4.31 -11.06 -20.95
CA VAL A 290 -4.75 -11.71 -19.72
C VAL A 290 -3.67 -11.63 -18.65
N ARG A 291 -2.41 -11.84 -19.05
CA ARG A 291 -1.31 -11.78 -18.10
C ARG A 291 -1.19 -10.41 -17.45
N ASN A 292 -1.19 -9.36 -18.26
CA ASN A 292 -1.07 -7.99 -17.76
C ASN A 292 -1.82 -7.06 -18.70
N PRO A 293 -3.11 -6.81 -18.43
CA PRO A 293 -3.88 -5.90 -19.30
C PRO A 293 -3.48 -4.46 -19.18
N TYR A 294 -2.72 -4.08 -18.15
CA TYR A 294 -2.43 -2.68 -17.89
C TYR A 294 -1.34 -2.13 -18.82
N THR A 295 -0.49 -3.01 -19.37
CA THR A 295 0.43 -2.56 -20.41
C THR A 295 -0.30 -2.26 -21.71
N PHE A 296 -1.32 -3.05 -22.04
CA PHE A 296 -2.09 -2.81 -23.25
C PHE A 296 -3.02 -1.62 -23.11
N LEU A 297 -3.60 -1.44 -21.91
CA LEU A 297 -4.59 -0.39 -21.71
C LEU A 297 -3.95 0.90 -21.20
N GLY A 298 -3.29 0.84 -20.05
CA GLY A 298 -2.64 1.99 -19.48
C GLY A 298 -2.91 2.09 -18.00
N GLU A 299 -2.65 3.27 -17.44
CA GLU A 299 -2.87 3.50 -16.02
C GLU A 299 -4.35 3.66 -15.68
N ASP A 300 -5.19 3.99 -16.66
CA ASP A 300 -6.62 4.10 -16.40
C ASP A 300 -7.27 2.75 -16.14
N ALA A 301 -6.68 1.65 -16.63
CA ALA A 301 -7.25 0.34 -16.41
C ALA A 301 -7.22 -0.06 -14.94
N ALA A 302 -6.21 0.40 -14.19
CA ALA A 302 -6.11 0.05 -12.79
C ALA A 302 -7.30 0.55 -11.99
N SER A 303 -7.85 1.71 -12.36
CA SER A 303 -9.07 2.19 -11.72
C SER A 303 -10.30 1.42 -12.17
N VAL A 304 -10.25 0.78 -13.34
CA VAL A 304 -11.37 -0.01 -13.83
C VAL A 304 -11.30 -1.45 -13.34
N ILE A 305 -10.14 -2.09 -13.49
CA ILE A 305 -9.92 -3.45 -13.00
C ILE A 305 -8.89 -3.37 -11.89
N ALA A 306 -9.26 -3.83 -10.71
CA ALA A 306 -8.32 -3.83 -9.60
C ALA A 306 -7.22 -4.85 -9.84
N PRO A 307 -5.95 -4.45 -9.78
CA PRO A 307 -4.87 -5.43 -10.03
C PRO A 307 -4.88 -6.62 -9.10
N GLU A 308 -5.22 -6.42 -7.83
CA GLU A 308 -5.31 -7.55 -6.90
C GLU A 308 -6.46 -8.48 -7.30
N GLU A 309 -7.57 -7.92 -7.74
CA GLU A 309 -8.68 -8.75 -8.20
C GLU A 309 -8.32 -9.52 -9.46
N HIS A 310 -7.55 -8.90 -10.36
CA HIS A 310 -7.09 -9.61 -11.54
C HIS A 310 -6.14 -10.74 -11.18
N GLU A 311 -5.24 -10.51 -10.23
CA GLU A 311 -4.35 -11.57 -9.77
C GLU A 311 -5.13 -12.72 -9.14
N GLN A 312 -6.15 -12.39 -8.34
CA GLN A 312 -6.98 -13.42 -7.74
C GLN A 312 -7.75 -14.19 -8.80
N ALA A 313 -8.23 -13.50 -9.84
CA ALA A 313 -8.92 -14.19 -10.94
C ALA A 313 -7.97 -15.11 -11.69
N LEU A 314 -6.72 -14.68 -11.89
CA LEU A 314 -5.73 -15.53 -12.53
C LEU A 314 -5.44 -16.76 -11.69
N PHE A 315 -5.33 -16.59 -10.37
CA PHE A 315 -5.06 -17.73 -9.49
C PHE A 315 -6.24 -18.69 -9.45
N ASP A 316 -7.46 -18.17 -9.34
CA ASP A 316 -8.63 -19.03 -9.21
C ASP A 316 -8.89 -19.84 -10.48
N ALA A 317 -8.51 -19.32 -11.64
CA ALA A 317 -8.71 -20.00 -12.90
C ALA A 317 -7.56 -20.92 -13.26
N ARG A 318 -6.60 -21.11 -12.35
CA ARG A 318 -5.43 -21.96 -12.58
C ARG A 318 -4.62 -21.50 -13.78
N ILE A 319 -4.56 -20.19 -14.00
CA ILE A 319 -3.81 -19.62 -15.11
C ILE A 319 -2.47 -19.19 -14.54
N PHE A 320 -1.49 -20.08 -14.64
CA PHE A 320 -0.12 -19.82 -14.19
C PHE A 320 0.81 -19.84 -15.39
N PHE A 321 1.68 -18.84 -15.49
CA PHE A 321 2.61 -18.72 -16.60
C PHE A 321 3.91 -19.39 -16.18
N HIS A 322 4.09 -20.64 -16.61
CA HIS A 322 5.21 -21.45 -16.16
C HIS A 322 6.52 -21.02 -16.82
N HIS A 323 7.61 -21.23 -16.11
CA HIS A 323 8.95 -21.19 -16.69
C HIS A 323 9.34 -22.61 -17.10
N PHE A 324 9.91 -22.74 -18.29
CA PHE A 324 10.20 -24.05 -18.85
C PHE A 324 11.69 -24.24 -19.04
N ARG A 325 12.13 -25.49 -18.96
CA ARG A 325 13.52 -25.87 -19.23
C ARG A 325 13.52 -27.08 -20.15
N LEU A 326 14.37 -27.05 -21.17
CA LEU A 326 14.52 -28.15 -22.11
C LEU A 326 15.79 -28.91 -21.77
N ILE A 327 15.64 -30.15 -21.34
CA ILE A 327 16.79 -30.98 -20.96
C ILE A 327 16.94 -32.11 -21.97
N PRO A 328 17.87 -32.01 -22.91
CA PRO A 328 18.11 -33.14 -23.81
C PRO A 328 18.81 -34.28 -23.09
N GLN A 329 18.37 -35.49 -23.37
CA GLN A 329 18.97 -36.70 -22.79
C GLN A 329 19.98 -37.27 -23.77
N LEU A 330 21.23 -37.39 -23.32
CA LEU A 330 22.33 -37.78 -24.18
C LEU A 330 22.52 -39.29 -24.16
N ASN A 331 22.85 -39.85 -25.31
CA ASN A 331 23.12 -41.27 -25.43
C ASN A 331 24.61 -41.53 -25.22
N THR A 332 25.01 -42.80 -25.27
CA THR A 332 26.41 -43.16 -25.12
C THR A 332 27.27 -42.59 -26.24
N GLU A 333 26.68 -42.39 -27.42
CA GLU A 333 27.37 -41.77 -28.55
C GLU A 333 27.15 -40.27 -28.62
N ASN A 334 26.85 -39.62 -27.50
CA ASN A 334 26.55 -38.19 -27.45
C ASN A 334 25.43 -37.83 -28.42
N LYS A 335 24.39 -38.65 -28.44
CA LYS A 335 23.23 -38.44 -29.29
C LYS A 335 21.98 -38.23 -28.44
N ILE A 336 21.04 -37.48 -28.99
CA ILE A 336 19.82 -37.15 -28.26
C ILE A 336 18.84 -38.31 -28.36
N THR A 337 18.37 -38.78 -27.21
CA THR A 337 17.35 -39.83 -27.15
C THR A 337 15.95 -39.25 -26.96
N GLU A 338 15.78 -38.34 -26.02
CA GLU A 338 14.52 -37.65 -25.82
C GLU A 338 14.79 -36.34 -25.11
N VAL A 339 13.89 -35.37 -25.29
CA VAL A 339 13.98 -34.06 -24.68
C VAL A 339 12.85 -33.93 -23.67
N THR A 340 13.21 -33.57 -22.44
CA THR A 340 12.23 -33.45 -21.36
C THR A 340 11.93 -31.97 -21.12
N LEU A 341 10.65 -31.63 -21.18
CA LEU A 341 10.20 -30.26 -20.95
C LEU A 341 9.55 -30.17 -19.58
N ILE A 342 10.18 -29.42 -18.67
CA ILE A 342 9.70 -29.26 -17.31
C ILE A 342 9.10 -27.86 -17.18
N LEU A 343 7.83 -27.79 -16.80
CA LEU A 343 7.14 -26.53 -16.61
C LEU A 343 7.12 -26.21 -15.11
N GLU A 344 7.73 -25.08 -14.74
CA GLU A 344 7.84 -24.70 -13.34
C GLU A 344 6.71 -23.73 -13.00
N PRO A 345 5.74 -24.11 -12.17
CA PRO A 345 4.61 -23.22 -11.88
C PRO A 345 5.05 -21.96 -11.16
N VAL A 346 4.39 -20.85 -11.48
CA VAL A 346 4.64 -19.57 -10.85
C VAL A 346 3.40 -19.19 -10.05
N SER A 347 3.58 -19.03 -8.75
CA SER A 347 2.49 -18.73 -7.82
C SER A 347 3.10 -18.45 -6.45
N PRO A 348 2.37 -17.76 -5.57
CA PRO A 348 2.88 -17.60 -4.19
C PRO A 348 3.04 -18.93 -3.47
N VAL A 349 2.19 -19.91 -3.75
CA VAL A 349 2.25 -21.22 -3.13
C VAL A 349 3.04 -22.15 -4.04
N PRO A 350 4.12 -22.76 -3.57
CA PRO A 350 4.84 -23.73 -4.42
C PRO A 350 3.94 -24.87 -4.84
N GLN A 351 4.09 -25.29 -6.09
CA GLN A 351 3.26 -26.33 -6.68
C GLN A 351 4.12 -27.36 -7.38
N PRO A 352 3.65 -28.60 -7.50
CA PRO A 352 4.41 -29.62 -8.24
C PRO A 352 4.60 -29.22 -9.69
N GLU A 353 5.76 -29.57 -10.24
CA GLU A 353 6.10 -29.22 -11.61
C GLU A 353 5.35 -30.10 -12.61
N ILE A 354 5.33 -29.64 -13.86
CA ILE A 354 4.73 -30.38 -14.96
C ILE A 354 5.84 -30.74 -15.94
N THR A 355 6.00 -32.03 -16.20
CA THR A 355 7.09 -32.54 -17.04
C THR A 355 6.51 -33.21 -18.27
N PHE A 356 7.02 -32.85 -19.44
CA PHE A 356 6.66 -33.49 -20.70
C PHE A 356 7.84 -34.27 -21.25
N VAL A 357 7.55 -35.17 -22.17
CA VAL A 357 8.56 -36.00 -22.81
C VAL A 357 8.44 -35.83 -24.31
N PHE A 358 9.50 -35.34 -24.95
CA PHE A 358 9.58 -35.24 -26.41
C PHE A 358 10.38 -36.44 -26.89
N SER A 359 9.67 -37.48 -27.35
CA SER A 359 10.31 -38.69 -27.84
C SER A 359 10.61 -38.63 -29.34
N ALA A 360 10.17 -37.60 -30.04
CA ALA A 360 10.42 -37.44 -31.46
C ALA A 360 10.68 -35.97 -31.75
N PRO A 361 11.46 -35.69 -32.80
CA PRO A 361 11.80 -34.28 -33.09
C PRO A 361 10.61 -33.41 -33.45
N TRP A 362 9.50 -33.98 -33.93
CA TRP A 362 8.39 -33.15 -34.38
C TRP A 362 7.63 -32.53 -33.21
N GLU A 363 7.57 -33.20 -32.07
CA GLU A 363 6.94 -32.61 -30.89
C GLU A 363 7.73 -31.39 -30.41
N LEU A 364 9.05 -31.53 -30.29
CA LEU A 364 9.89 -30.38 -30.00
C LEU A 364 9.78 -29.32 -31.08
N ASP A 365 9.58 -29.73 -32.33
CA ASP A 365 9.41 -28.77 -33.41
C ASP A 365 8.13 -27.94 -33.22
N LYS A 366 7.04 -28.59 -32.82
CA LYS A 366 5.81 -27.86 -32.55
C LYS A 366 5.98 -26.91 -31.36
N PHE A 367 6.66 -27.37 -30.32
CA PHE A 367 6.94 -26.50 -29.18
C PHE A 367 7.77 -25.29 -29.60
N ILE A 368 8.78 -25.51 -30.44
CA ILE A 368 9.62 -24.42 -30.93
C ILE A 368 8.82 -23.49 -31.83
N GLN A 369 7.88 -24.03 -32.60
CA GLN A 369 7.02 -23.18 -33.42
C GLN A 369 6.16 -22.27 -32.55
N GLN A 370 5.60 -22.82 -31.47
CA GLN A 370 4.82 -21.99 -30.55
C GLN A 370 5.69 -20.90 -29.93
N LEU A 371 6.90 -21.26 -29.49
CA LEU A 371 7.80 -20.26 -28.93
C LEU A 371 8.16 -19.20 -29.96
N GLY A 372 8.39 -19.62 -31.21
CA GLY A 372 8.75 -18.67 -32.25
C GLY A 372 7.63 -17.71 -32.57
N ILE A 373 6.39 -18.21 -32.60
CA ILE A 373 5.24 -17.34 -32.79
C ILE A 373 5.17 -16.33 -31.65
N SER A 374 5.35 -16.80 -30.41
CA SER A 374 5.22 -15.91 -29.26
C SER A 374 6.33 -14.86 -29.25
N VAL A 375 7.55 -15.22 -29.67
CA VAL A 375 8.64 -14.25 -29.62
C VAL A 375 8.61 -13.33 -30.84
N ALA A 376 8.09 -13.79 -31.98
CA ALA A 376 7.91 -12.91 -33.12
C ALA A 376 6.80 -11.90 -32.88
N ALA A 377 5.77 -12.30 -32.12
CA ALA A 377 4.76 -11.34 -31.69
C ALA A 377 5.29 -10.37 -30.63
N GLN A 378 6.49 -10.61 -30.11
CA GLN A 378 7.09 -9.77 -29.07
C GLN A 378 6.19 -9.73 -27.83
N MET A 379 5.68 -10.91 -27.46
CA MET A 379 4.78 -11.05 -26.33
C MET A 379 5.39 -11.96 -25.27
N PRO A 380 5.11 -11.70 -23.99
CA PRO A 380 5.66 -12.52 -22.91
C PRO A 380 4.77 -13.67 -22.46
N ALA A 381 3.71 -14.01 -23.20
CA ALA A 381 2.68 -14.91 -22.69
C ALA A 381 2.94 -16.37 -23.03
N GLY A 382 3.02 -16.69 -24.31
CA GLY A 382 3.24 -18.06 -24.73
C GLY A 382 2.12 -19.02 -24.37
N SER A 383 2.19 -20.25 -24.89
CA SER A 383 1.18 -21.26 -24.63
C SER A 383 1.67 -22.60 -25.15
N TRP A 384 1.32 -23.67 -24.42
CA TRP A 384 1.66 -25.02 -24.89
C TRP A 384 0.71 -26.02 -24.24
N GLN A 385 -0.21 -26.56 -25.03
CA GLN A 385 -1.09 -27.66 -24.62
C GLN A 385 -1.80 -27.37 -23.30
N GLY A 386 -2.41 -26.20 -23.22
CA GLY A 386 -3.17 -25.83 -22.04
C GLY A 386 -2.36 -25.27 -20.90
N TYR A 387 -1.07 -25.02 -21.10
CA TYR A 387 -0.22 -24.39 -20.11
C TYR A 387 0.40 -23.13 -20.69
N GLU A 388 0.44 -22.08 -19.89
CA GLU A 388 1.05 -20.82 -20.32
C GLU A 388 2.53 -20.83 -19.98
N LEU A 389 3.30 -20.08 -20.77
CA LEU A 389 4.77 -20.11 -20.70
C LEU A 389 5.29 -18.68 -20.58
N GLU A 390 5.59 -18.25 -19.36
CA GLU A 390 6.18 -16.94 -19.14
C GLU A 390 7.44 -16.75 -19.98
N LEU A 391 7.39 -15.83 -20.93
CA LEU A 391 8.51 -15.56 -21.84
C LEU A 391 9.15 -14.20 -21.56
N SER A 392 8.94 -13.65 -20.37
CA SER A 392 9.54 -12.36 -20.04
C SER A 392 11.06 -12.46 -19.99
N GLN A 393 11.58 -13.50 -19.34
CA GLN A 393 13.02 -13.70 -19.22
C GLN A 393 13.59 -14.59 -20.31
N PHE A 394 12.76 -15.04 -21.25
CA PHE A 394 13.21 -15.89 -22.35
C PHE A 394 13.95 -15.02 -23.36
N THR A 395 15.25 -14.90 -23.17
CA THR A 395 16.07 -14.02 -23.99
C THR A 395 16.29 -14.62 -25.38
N GLU A 396 16.86 -13.80 -26.26
CA GLU A 396 17.17 -14.27 -27.62
C GLU A 396 18.18 -15.40 -27.60
N GLN A 397 19.11 -15.38 -26.64
CA GLN A 397 20.10 -16.45 -26.54
C GLN A 397 19.44 -17.79 -26.27
N GLN A 398 18.43 -17.82 -25.39
CA GLN A 398 17.72 -19.06 -25.13
C GLN A 398 16.96 -19.53 -26.37
N TRP A 399 16.38 -18.60 -27.13
CA TRP A 399 15.69 -18.97 -28.37
C TRP A 399 16.66 -19.58 -29.37
N HIS A 400 17.84 -18.98 -29.53
CA HIS A 400 18.84 -19.54 -30.43
C HIS A 400 19.33 -20.90 -29.94
N ASP A 401 19.46 -21.06 -28.62
CA ASP A 401 19.86 -22.36 -28.07
C ASP A 401 18.81 -23.43 -28.36
N CYS A 402 17.53 -23.08 -28.21
CA CYS A 402 16.46 -24.04 -28.51
C CYS A 402 16.46 -24.40 -29.99
N GLN A 403 16.63 -23.41 -30.87
CA GLN A 403 16.68 -23.70 -32.29
C GLN A 403 17.88 -24.58 -32.63
N ALA A 404 19.03 -24.32 -32.01
CA ALA A 404 20.22 -25.15 -32.25
C ALA A 404 19.99 -26.56 -31.74
N LEU A 405 19.34 -26.71 -30.59
CA LEU A 405 19.03 -28.05 -30.08
C LEU A 405 18.11 -28.81 -31.02
N LEU A 406 17.08 -28.13 -31.55
CA LEU A 406 16.19 -28.78 -32.51
C LEU A 406 16.94 -29.20 -33.77
N THR A 407 17.80 -28.31 -34.29
CA THR A 407 18.57 -28.63 -35.48
C THR A 407 19.51 -29.80 -35.23
N ARG A 408 20.17 -29.81 -34.07
CA ARG A 408 21.07 -30.90 -33.73
C ARG A 408 20.33 -32.22 -33.64
N TRP A 409 19.15 -32.23 -33.00
CA TRP A 409 18.38 -33.47 -32.89
C TRP A 409 17.93 -33.96 -34.27
N GLN A 410 17.47 -33.03 -35.12
CA GLN A 410 17.06 -33.41 -36.47
C GLN A 410 18.22 -33.98 -37.28
N GLN A 411 19.39 -33.36 -37.18
CA GLN A 411 20.56 -33.86 -37.90
C GLN A 411 21.01 -35.22 -37.37
N GLU A 412 20.95 -35.41 -36.06
CA GLU A 412 21.32 -36.70 -35.49
C GLU A 412 20.38 -37.79 -35.96
N ILE A 413 19.08 -37.54 -35.94
CA ILE A 413 18.13 -38.53 -36.44
C ILE A 413 18.22 -38.66 -37.96
N GLU A 414 18.28 -37.53 -38.65
CA GLU A 414 18.40 -37.54 -40.11
C GLU A 414 19.75 -36.99 -40.55
N ALA A 566 38.24 -4.36 -0.31
CA ALA A 566 38.13 -3.62 -1.55
C ALA A 566 37.89 -2.13 -1.30
N GLU A 567 38.74 -1.29 -1.88
CA GLU A 567 38.60 0.15 -1.72
C GLU A 567 37.51 0.67 -2.65
N PRO A 568 36.49 1.35 -2.13
CA PRO A 568 35.44 1.87 -3.00
C PRO A 568 35.94 2.99 -3.90
N GLU A 569 35.32 3.12 -5.07
CA GLU A 569 35.60 4.21 -5.99
C GLU A 569 34.52 5.27 -5.79
N ILE A 570 34.89 6.36 -5.14
CA ILE A 570 33.92 7.42 -4.85
C ILE A 570 33.64 8.21 -6.12
N PRO A 571 32.38 8.55 -6.41
CA PRO A 571 32.10 9.37 -7.59
C PRO A 571 32.78 10.73 -7.51
N LEU A 572 33.21 11.23 -8.68
CA LEU A 572 33.86 12.53 -8.73
C LEU A 572 32.87 13.66 -8.51
N SER A 573 31.59 13.43 -8.80
CA SER A 573 30.57 14.47 -8.67
C SER A 573 29.94 14.52 -7.29
N LEU A 574 30.41 13.70 -6.36
CA LEU A 574 29.97 13.82 -4.98
C LEU A 574 30.47 15.14 -4.39
N LYS A 575 29.60 15.83 -3.67
CA LYS A 575 29.96 17.13 -3.11
C LYS A 575 31.07 16.98 -2.08
N GLU A 576 31.99 17.94 -2.07
CA GLU A 576 33.18 17.85 -1.22
C GLU A 576 32.85 17.86 0.26
N HIS A 577 31.70 18.40 0.65
CA HIS A 577 31.30 18.46 2.04
C HIS A 577 30.54 17.22 2.50
N ILE A 578 30.41 16.23 1.63
CA ILE A 578 29.72 14.97 1.95
C ILE A 578 30.77 13.88 2.08
N ARG A 579 30.77 13.20 3.24
CA ARG A 579 31.67 12.09 3.49
C ARG A 579 30.85 10.83 3.72
N LEU A 580 31.19 9.77 2.99
CA LEU A 580 30.56 8.48 3.23
C LEU A 580 31.06 7.88 4.54
N LYS A 581 30.16 7.22 5.26
CA LYS A 581 30.55 6.52 6.47
C LYS A 581 31.37 5.29 6.10
N ASP A 582 31.99 4.68 7.11
CA ASP A 582 32.80 3.48 6.87
C ASP A 582 31.94 2.35 6.32
N HIS A 583 30.75 2.16 6.90
CA HIS A 583 29.85 1.13 6.37
C HIS A 583 29.32 1.52 4.99
N GLN A 584 29.12 2.81 4.74
CA GLN A 584 28.68 3.24 3.42
C GLN A 584 29.77 3.02 2.38
N ARG A 585 31.03 3.29 2.74
CA ARG A 585 32.14 2.99 1.83
C ARG A 585 32.23 1.49 1.57
N GLU A 586 32.07 0.68 2.63
CA GLU A 586 32.09 -0.76 2.45
C GLU A 586 30.97 -1.23 1.52
N GLY A 587 29.77 -0.66 1.69
CA GLY A 587 28.66 -1.03 0.84
C GLY A 587 28.87 -0.61 -0.61
N VAL A 588 29.40 0.59 -0.84
CA VAL A 588 29.68 1.02 -2.21
C VAL A 588 30.72 0.12 -2.84
N ALA A 589 31.78 -0.22 -2.10
CA ALA A 589 32.80 -1.11 -2.63
C ALA A 589 32.23 -2.50 -2.94
N TRP A 590 31.36 -3.01 -2.07
CA TRP A 590 30.74 -4.31 -2.29
C TRP A 590 29.87 -4.28 -3.54
N LEU A 591 29.07 -3.23 -3.71
CA LEU A 591 28.24 -3.09 -4.90
C LEU A 591 29.09 -3.03 -6.16
N GLN A 592 30.17 -2.25 -6.13
CA GLN A 592 31.04 -2.13 -7.30
C GLN A 592 31.70 -3.45 -7.64
N GLN A 593 32.18 -4.18 -6.62
CA GLN A 593 32.85 -5.46 -6.87
C GLN A 593 31.87 -6.49 -7.40
N LEU A 594 30.65 -6.51 -6.90
CA LEU A 594 29.64 -7.40 -7.44
C LEU A 594 29.24 -7.00 -8.86
N PHE A 595 29.26 -5.70 -9.16
CA PHE A 595 28.90 -5.25 -10.50
C PHE A 595 29.98 -5.54 -11.52
N LEU A 596 31.25 -5.56 -11.10
CA LEU A 596 32.31 -5.83 -12.05
C LEU A 596 32.29 -7.25 -12.58
N ARG A 597 31.52 -8.15 -11.96
CA ARG A 597 31.28 -9.49 -12.48
C ARG A 597 29.79 -9.75 -12.66
N SER A 598 29.03 -8.71 -13.00
CA SER A 598 27.57 -8.73 -13.09
C SER A 598 27.05 -9.45 -14.34
N PRO A 599 27.73 -9.40 -15.50
CA PRO A 599 27.21 -10.18 -16.64
C PRO A 599 27.41 -11.68 -16.49
N GLU A 600 28.59 -12.11 -16.02
CA GLU A 600 28.97 -13.51 -16.05
C GLU A 600 28.73 -14.22 -14.72
N GLU A 601 29.36 -13.74 -13.64
CA GLU A 601 29.26 -14.46 -12.37
C GLU A 601 27.97 -14.13 -11.64
N THR A 602 27.77 -12.88 -11.27
CA THR A 602 26.57 -12.47 -10.56
C THR A 602 25.48 -12.07 -11.56
N ALA A 603 24.31 -11.71 -11.04
CA ALA A 603 23.27 -11.08 -11.82
C ALA A 603 22.51 -10.02 -11.04
N GLY A 604 22.92 -9.74 -9.82
CA GLY A 604 22.17 -8.85 -8.94
C GLY A 604 22.60 -9.07 -7.51
N CYS A 605 21.94 -8.33 -6.61
CA CYS A 605 22.27 -8.41 -5.20
C CYS A 605 21.08 -7.96 -4.38
N LEU A 606 21.15 -8.25 -3.08
CA LEU A 606 20.15 -7.84 -2.11
C LEU A 606 20.82 -6.96 -1.06
N LEU A 607 20.53 -5.67 -1.10
CA LEU A 607 21.03 -4.73 -0.10
C LEU A 607 19.99 -4.65 1.02
N ALA A 608 20.26 -5.36 2.11
CA ALA A 608 19.27 -5.58 3.16
C ALA A 608 19.63 -4.86 4.46
N ASP A 609 20.35 -3.74 4.37
CA ASP A 609 20.72 -3.00 5.58
C ASP A 609 19.47 -2.44 6.25
N ASP A 610 19.60 -2.20 7.56
CA ASP A 610 18.50 -1.62 8.31
C ASP A 610 18.24 -0.19 7.87
N MET A 611 17.06 0.31 8.22
CA MET A 611 16.71 1.69 7.91
C MET A 611 17.57 2.65 8.70
N GLY A 612 17.89 3.78 8.08
CA GLY A 612 18.73 4.78 8.69
C GLY A 612 20.21 4.58 8.49
N LEU A 613 20.63 3.62 7.66
CA LEU A 613 22.03 3.40 7.37
C LEU A 613 22.46 4.08 6.07
N GLY A 614 21.60 4.90 5.49
CA GLY A 614 21.95 5.58 4.25
C GLY A 614 22.10 4.66 3.06
N LYS A 615 21.19 3.70 2.89
CA LYS A 615 21.23 2.83 1.72
C LYS A 615 21.02 3.64 0.44
N THR A 616 20.16 4.67 0.51
CA THR A 616 19.93 5.51 -0.66
C THR A 616 21.23 6.16 -1.12
N LEU A 617 22.03 6.67 -0.20
CA LEU A 617 23.29 7.30 -0.58
C LEU A 617 24.28 6.28 -1.15
N GLN A 618 24.31 5.07 -0.60
CA GLN A 618 25.20 4.04 -1.13
C GLN A 618 24.82 3.67 -2.56
N ILE A 619 23.53 3.46 -2.81
CA ILE A 619 23.08 3.09 -4.15
C ILE A 619 23.28 4.25 -5.12
N LEU A 620 23.06 5.48 -4.65
CA LEU A 620 23.28 6.65 -5.50
C LEU A 620 24.75 6.78 -5.86
N SER A 621 25.65 6.55 -4.90
CA SER A 621 27.07 6.59 -5.18
C SER A 621 27.46 5.52 -6.17
N PHE A 622 26.91 4.31 -6.01
CA PHE A 622 27.19 3.23 -6.95
C PHE A 622 26.71 3.59 -8.36
N LEU A 623 25.50 4.12 -8.47
CA LEU A 623 24.95 4.48 -9.77
C LEU A 623 25.76 5.60 -10.42
N VAL A 624 26.12 6.63 -9.66
CA VAL A 624 26.85 7.76 -10.22
C VAL A 624 28.26 7.33 -10.62
N TRP A 625 28.90 6.48 -9.81
CA TRP A 625 30.19 5.94 -10.20
C TRP A 625 30.09 5.15 -11.50
N PHE A 626 29.04 4.35 -11.65
CA PHE A 626 28.86 3.61 -12.89
C PHE A 626 28.67 4.56 -14.07
N ILE A 627 27.86 5.60 -13.89
CA ILE A 627 27.59 6.54 -14.97
C ILE A 627 28.86 7.26 -15.41
N GLU A 628 29.66 7.72 -14.44
CA GLU A 628 30.89 8.42 -14.77
C GLU A 628 31.92 7.46 -15.38
N LYS A 629 31.97 6.22 -14.88
CA LYS A 629 32.98 5.27 -15.35
C LYS A 629 32.65 4.75 -16.74
N PHE A 630 31.38 4.43 -16.99
CA PHE A 630 30.93 3.88 -18.27
C PHE A 630 29.79 4.74 -18.78
N PRO A 631 30.09 5.88 -19.42
CA PRO A 631 29.02 6.80 -19.83
C PRO A 631 28.16 6.30 -20.97
N GLN A 632 28.64 5.35 -21.77
CA GLN A 632 27.94 4.91 -22.96
C GLN A 632 27.01 3.73 -22.74
N GLU A 633 26.94 3.21 -21.51
CA GLU A 633 26.08 2.08 -21.22
C GLU A 633 24.62 2.50 -21.15
N PRO A 634 23.70 1.55 -21.25
CA PRO A 634 22.27 1.88 -21.15
C PRO A 634 21.94 2.53 -19.83
N PRO A 635 20.85 3.31 -19.77
CA PRO A 635 20.51 4.03 -18.53
C PRO A 635 20.16 3.07 -17.41
N ASN A 636 19.98 3.65 -16.22
CA ASN A 636 19.67 2.92 -15.01
C ASN A 636 18.23 3.19 -14.60
N LEU A 637 17.60 2.19 -13.99
CA LEU A 637 16.20 2.25 -13.61
C LEU A 637 16.08 2.12 -12.10
N ILE A 638 15.36 3.05 -11.49
CA ILE A 638 15.05 3.00 -10.07
C ILE A 638 13.55 2.88 -9.92
N VAL A 639 13.10 1.81 -9.26
CA VAL A 639 11.68 1.56 -9.03
C VAL A 639 11.43 1.67 -7.53
N ALA A 640 10.53 2.56 -7.17
CA ALA A 640 10.23 2.83 -5.77
C ALA A 640 8.87 3.53 -5.69
N PRO A 641 8.23 3.53 -4.52
CA PRO A 641 7.02 4.33 -4.36
C PRO A 641 7.32 5.81 -4.56
N VAL A 642 6.29 6.55 -4.98
CA VAL A 642 6.46 7.97 -5.30
C VAL A 642 7.00 8.74 -4.09
N SER A 643 6.48 8.42 -2.90
CA SER A 643 7.01 9.03 -1.68
C SER A 643 8.50 8.81 -1.54
N LEU A 644 9.01 7.69 -2.05
CA LEU A 644 10.44 7.42 -2.05
C LEU A 644 11.14 7.92 -3.31
N LEU A 645 10.41 8.03 -4.43
CA LEU A 645 11.02 8.61 -5.64
C LEU A 645 11.38 10.07 -5.41
N ASP A 646 10.50 10.81 -4.73
CA ASP A 646 10.83 12.19 -4.38
C ASP A 646 12.07 12.26 -3.52
N ASN A 647 12.19 11.34 -2.54
CA ASN A 647 13.37 11.31 -1.69
C ASN A 647 14.62 10.96 -2.48
N TRP A 648 14.50 10.05 -3.45
CA TRP A 648 15.65 9.68 -4.27
C TRP A 648 16.15 10.87 -5.08
N GLU A 649 15.23 11.58 -5.74
CA GLU A 649 15.62 12.76 -6.50
C GLU A 649 16.19 13.84 -5.58
N ARG A 650 15.58 14.03 -4.41
CA ARG A 650 16.05 15.03 -3.46
C ARG A 650 17.47 14.73 -2.99
N GLU A 651 17.74 13.48 -2.64
CA GLU A 651 19.07 13.14 -2.16
C GLU A 651 20.10 13.13 -3.27
N LEU A 652 19.70 12.78 -4.50
CA LEU A 652 20.61 12.89 -5.62
C LEU A 652 21.00 14.35 -5.86
N ASN A 653 20.04 15.27 -5.71
CA ASN A 653 20.38 16.69 -5.84
C ASN A 653 21.21 17.17 -4.65
N ASN A 654 20.95 16.63 -3.45
CA ASN A 654 21.61 17.13 -2.26
C ASN A 654 23.07 16.67 -2.19
N PHE A 655 23.35 15.43 -2.58
CA PHE A 655 24.68 14.86 -2.38
C PHE A 655 25.60 14.97 -3.59
N PHE A 656 25.06 15.15 -4.79
CA PHE A 656 25.87 15.10 -6.00
C PHE A 656 25.64 16.36 -6.84
N TYR A 657 26.67 16.73 -7.61
CA TYR A 657 26.56 17.78 -8.60
C TYR A 657 25.82 17.21 -9.80
N THR A 658 24.50 17.41 -9.80
CA THR A 658 23.62 16.80 -10.80
C THR A 658 23.70 17.60 -12.12
N ALA A 659 24.90 17.60 -12.69
CA ALA A 659 25.15 18.19 -14.00
C ALA A 659 25.43 17.16 -15.08
N GLY A 660 26.22 16.15 -14.77
CA GLY A 660 26.45 15.03 -15.65
C GLY A 660 25.56 13.83 -15.40
N ILE A 661 24.52 13.98 -14.59
CA ILE A 661 23.60 12.88 -14.27
C ILE A 661 22.18 13.34 -14.59
N PRO A 662 21.77 13.36 -15.85
CA PRO A 662 20.37 13.69 -16.16
C PRO A 662 19.43 12.64 -15.59
N VAL A 663 18.26 13.10 -15.17
CA VAL A 663 17.27 12.25 -14.52
C VAL A 663 15.93 12.42 -15.21
N LEU A 664 15.24 11.31 -15.43
CA LEU A 664 13.86 11.30 -15.91
C LEU A 664 13.00 10.60 -14.88
N LYS A 665 11.93 11.27 -14.44
CA LYS A 665 10.98 10.68 -13.51
C LYS A 665 9.69 10.36 -14.27
N LEU A 666 9.44 9.07 -14.49
CA LEU A 666 8.30 8.67 -15.31
C LEU A 666 6.98 9.01 -14.63
N TYR A 667 6.93 8.92 -13.30
CA TYR A 667 5.68 9.17 -12.59
C TYR A 667 5.22 10.61 -12.80
N GLY A 668 3.90 10.78 -12.85
CA GLY A 668 3.30 12.10 -12.97
C GLY A 668 2.89 12.44 -14.39
N GLU A 669 2.92 13.73 -14.74
CA GLU A 669 2.63 14.15 -16.10
C GLU A 669 3.78 13.91 -17.06
N THR A 670 4.96 13.54 -16.55
CA THR A 670 6.07 13.22 -17.43
C THR A 670 5.81 11.94 -18.20
N ILE A 671 4.99 11.03 -17.66
CA ILE A 671 4.58 9.87 -18.43
C ILE A 671 3.72 10.28 -19.61
N LYS A 672 2.89 11.33 -19.44
CA LYS A 672 2.10 11.84 -20.54
C LYS A 672 2.96 12.59 -21.55
N ALA A 673 4.00 13.28 -21.07
CA ALA A 673 4.90 14.00 -21.97
C ALA A 673 5.66 13.05 -22.89
N VAL A 674 5.84 11.79 -22.49
CA VAL A 674 6.55 10.82 -23.31
C VAL A 674 5.63 9.74 -23.84
N LYS A 675 4.36 9.71 -23.45
CA LYS A 675 3.42 8.72 -23.96
C LYS A 675 3.13 8.96 -25.44
N TYR A 676 2.84 7.87 -26.14
CA TYR A 676 2.35 7.98 -27.49
C TYR A 676 0.95 8.59 -27.49
N PRO A 677 0.62 9.38 -28.50
CA PRO A 677 -0.79 9.75 -28.70
C PRO A 677 -1.63 8.51 -28.92
N LYS A 678 -2.88 8.55 -28.44
CA LYS A 678 -3.72 7.37 -28.42
C LYS A 678 -3.85 6.73 -29.81
N GLN A 679 -3.90 7.56 -30.85
CA GLN A 679 -4.04 7.07 -32.22
C GLN A 679 -2.73 7.02 -32.98
N ALA A 680 -1.61 7.39 -32.35
CA ALA A 680 -0.32 7.38 -33.01
C ALA A 680 0.49 6.11 -32.74
N ILE A 681 -0.08 5.15 -32.02
CA ILE A 681 0.60 3.87 -31.79
C ILE A 681 0.82 3.19 -33.14
N PRO A 682 1.96 2.54 -33.38
CA PRO A 682 2.18 1.88 -34.67
C PRO A 682 1.12 0.83 -34.95
N ALA A 683 0.79 0.69 -36.24
CA ALA A 683 -0.29 -0.21 -36.64
C ALA A 683 0.03 -1.66 -36.29
N HIS A 684 1.29 -2.08 -36.49
CA HIS A 684 1.66 -3.45 -36.18
C HIS A 684 1.59 -3.72 -34.67
N LEU A 685 1.59 -2.68 -33.84
CA LEU A 685 1.38 -2.83 -32.42
C LEU A 685 -0.07 -2.58 -32.00
N GLN A 686 -0.80 -1.75 -32.75
CA GLN A 686 -2.24 -1.60 -32.49
C GLN A 686 -2.99 -2.88 -32.81
N SER A 687 -2.51 -3.65 -33.79
CA SER A 687 -3.14 -4.94 -34.11
C SER A 687 -3.03 -5.93 -32.96
N LYS A 688 -2.10 -5.72 -32.03
CA LYS A 688 -1.95 -6.57 -30.87
C LYS A 688 -2.76 -6.11 -29.67
N GLY A 689 -3.58 -5.08 -29.83
CA GLY A 689 -4.34 -4.54 -28.73
C GLY A 689 -3.61 -3.56 -27.86
N ILE A 690 -2.41 -3.15 -28.25
CA ILE A 690 -1.60 -2.23 -27.45
C ILE A 690 -2.14 -0.82 -27.65
N LYS A 691 -2.80 -0.28 -26.61
CA LYS A 691 -3.26 1.09 -26.62
C LYS A 691 -2.37 2.03 -25.82
N ASN A 692 -1.53 1.48 -24.93
CA ASN A 692 -0.62 2.26 -24.11
C ASN A 692 0.81 1.99 -24.56
N LEU A 693 1.54 3.06 -24.86
CA LEU A 693 2.92 2.92 -25.32
C LEU A 693 3.66 4.23 -25.05
N LEU A 694 4.98 4.14 -25.02
CA LEU A 694 5.84 5.30 -24.86
C LEU A 694 6.54 5.59 -26.18
N LYS A 695 6.62 6.88 -26.53
CA LYS A 695 7.24 7.27 -27.77
C LYS A 695 8.72 6.89 -27.79
N PRO A 696 9.27 6.52 -28.94
CA PRO A 696 10.70 6.21 -29.00
C PRO A 696 11.54 7.42 -28.62
N GLY A 697 12.62 7.17 -27.90
CA GLY A 697 13.40 8.26 -27.33
C GLY A 697 12.80 8.85 -26.08
N TRP A 698 11.85 8.17 -25.46
CA TRP A 698 11.25 8.66 -24.22
C TRP A 698 12.28 8.80 -23.11
N GLN A 699 13.34 7.98 -23.14
CA GLN A 699 14.40 8.11 -22.16
C GLN A 699 15.11 9.45 -22.27
N GLY A 700 15.31 9.94 -23.50
CA GLY A 700 16.04 11.18 -23.67
C GLY A 700 17.51 10.98 -23.33
N GLU A 701 18.11 12.02 -22.76
CA GLU A 701 19.49 11.98 -22.32
C GLU A 701 19.64 11.55 -20.87
N ALA A 702 18.55 11.16 -20.22
CA ALA A 702 18.61 10.75 -18.83
C ALA A 702 19.42 9.47 -18.67
N LYS A 703 20.25 9.44 -17.63
CA LYS A 703 21.00 8.24 -17.28
C LYS A 703 20.38 7.48 -16.13
N ILE A 704 19.63 8.16 -15.25
CA ILE A 704 18.86 7.53 -14.19
C ILE A 704 17.39 7.83 -14.45
N ILE A 705 16.57 6.80 -14.43
CA ILE A 705 15.13 6.93 -14.68
C ILE A 705 14.40 6.48 -13.43
N LEU A 706 13.61 7.39 -12.86
CA LEU A 706 12.84 7.12 -11.66
C LEU A 706 11.41 6.75 -12.06
N THR A 707 10.93 5.63 -11.51
CA THR A 707 9.59 5.16 -11.83
C THR A 707 9.02 4.45 -10.62
N THR A 708 7.70 4.28 -10.63
CA THR A 708 6.98 3.61 -9.55
C THR A 708 6.73 2.15 -9.93
N TYR A 709 6.42 1.34 -8.91
CA TYR A 709 6.06 -0.04 -9.17
C TYR A 709 4.78 -0.13 -9.99
N GLU A 710 3.81 0.76 -9.72
CA GLU A 710 2.60 0.81 -10.53
C GLU A 710 2.90 1.25 -11.96
N THR A 711 3.78 2.24 -12.12
CA THR A 711 4.20 2.64 -13.46
C THR A 711 5.02 1.55 -14.13
N LEU A 712 5.81 0.81 -13.36
CA LEU A 712 6.53 -0.34 -13.91
C LEU A 712 5.56 -1.39 -14.43
N ARG A 713 4.48 -1.65 -13.70
CA ARG A 713 3.47 -2.60 -14.15
C ARG A 713 2.74 -2.09 -15.38
N ASP A 714 2.40 -0.79 -15.39
CA ASP A 714 1.63 -0.23 -16.50
C ASP A 714 2.47 -0.03 -17.75
N GLN A 715 3.75 0.27 -17.60
CA GLN A 715 4.65 0.48 -18.73
C GLN A 715 5.65 -0.65 -18.88
N GLU A 716 5.26 -1.87 -18.47
CA GLU A 716 6.18 -3.01 -18.54
C GLU A 716 6.58 -3.30 -19.98
N PHE A 717 5.63 -3.20 -20.91
CA PHE A 717 5.94 -3.46 -22.31
C PHE A 717 6.97 -2.47 -22.84
N SER A 718 6.82 -1.20 -22.49
CA SER A 718 7.77 -0.18 -22.93
C SER A 718 9.08 -0.23 -22.17
N LEU A 719 9.03 -0.57 -20.87
CA LEU A 719 10.25 -0.61 -20.08
C LEU A 719 11.10 -1.83 -20.39
N ALA A 720 10.48 -2.91 -20.87
CA ALA A 720 11.19 -4.14 -21.18
C ALA A 720 11.68 -4.22 -22.62
N ARG A 721 11.44 -3.18 -23.42
CA ARG A 721 11.83 -3.19 -24.83
C ARG A 721 13.26 -2.73 -25.07
N GLN A 722 13.94 -2.20 -24.05
CA GLN A 722 15.32 -1.78 -24.21
C GLN A 722 16.13 -2.30 -23.02
N PRO A 723 17.38 -2.66 -23.25
CA PRO A 723 18.24 -3.11 -22.14
C PRO A 723 18.57 -1.97 -21.19
N TRP A 724 18.75 -2.33 -19.92
CA TRP A 724 19.18 -1.41 -18.89
C TRP A 724 20.54 -1.85 -18.36
N SER A 725 21.10 -1.04 -17.46
CA SER A 725 22.35 -1.37 -16.80
C SER A 725 22.14 -1.80 -15.36
N ILE A 726 21.52 -0.96 -14.54
CA ILE A 726 21.26 -1.26 -13.14
C ILE A 726 19.79 -0.98 -12.87
N MET A 727 19.08 -1.98 -12.34
CA MET A 727 17.69 -1.81 -11.92
C MET A 727 17.64 -1.89 -10.41
N VAL A 728 17.10 -0.85 -9.79
CA VAL A 728 17.03 -0.74 -8.33
C VAL A 728 15.57 -0.83 -7.93
N CYS A 729 15.23 -1.78 -7.07
CA CYS A 729 13.88 -1.95 -6.54
C CYS A 729 13.92 -1.61 -5.06
N ASP A 730 13.64 -0.35 -4.74
CA ASP A 730 13.60 0.08 -3.35
C ASP A 730 12.35 -0.44 -2.67
N GLU A 731 12.49 -0.79 -1.39
CA GLU A 731 11.46 -1.52 -0.66
C GLU A 731 11.02 -2.74 -1.46
N ALA A 732 11.98 -3.64 -1.67
CA ALA A 732 11.79 -4.79 -2.54
C ALA A 732 10.71 -5.73 -2.02
N GLN A 733 10.15 -5.45 -0.84
CA GLN A 733 9.04 -6.24 -0.36
C GLN A 733 7.78 -6.04 -1.20
N LYS A 734 7.79 -5.06 -2.12
CA LYS A 734 6.68 -4.93 -3.06
C LYS A 734 6.65 -6.07 -4.07
N ILE A 735 7.77 -6.77 -4.27
CA ILE A 735 7.81 -7.91 -5.19
C ILE A 735 8.00 -9.19 -4.39
N LYS A 736 7.51 -9.20 -3.15
CA LYS A 736 7.58 -10.39 -2.31
C LYS A 736 6.70 -11.52 -2.84
N ASN A 737 5.67 -11.19 -3.62
CA ASN A 737 4.77 -12.20 -4.15
C ASN A 737 5.24 -12.62 -5.53
N PRO A 738 5.58 -13.89 -5.76
CA PRO A 738 6.06 -14.29 -7.09
C PRO A 738 5.06 -14.09 -8.20
N ALA A 739 3.76 -14.23 -7.92
CA ALA A 739 2.74 -14.17 -8.95
C ALA A 739 2.14 -12.78 -9.13
N ALA A 740 2.61 -11.79 -8.39
CA ALA A 740 2.09 -10.43 -8.54
C ALA A 740 2.48 -9.86 -9.91
N LEU A 741 1.58 -9.04 -10.46
CA LEU A 741 1.86 -8.41 -11.74
C LEU A 741 3.04 -7.45 -11.65
N ILE A 742 3.21 -6.79 -10.49
CA ILE A 742 4.37 -5.93 -10.29
C ILE A 742 5.65 -6.76 -10.28
N THR A 743 5.62 -7.93 -9.65
CA THR A 743 6.79 -8.81 -9.65
C THR A 743 7.10 -9.31 -11.06
N HIS A 744 6.06 -9.65 -11.83
CA HIS A 744 6.26 -10.08 -13.21
C HIS A 744 6.86 -8.96 -14.04
N ALA A 745 6.39 -7.73 -13.84
CA ALA A 745 6.96 -6.60 -14.56
C ALA A 745 8.41 -6.36 -14.17
N ALA A 746 8.73 -6.49 -12.88
CA ALA A 746 10.10 -6.30 -12.42
C ALA A 746 11.04 -7.36 -12.98
N ASN A 747 10.58 -8.61 -13.04
CA ASN A 747 11.40 -9.67 -13.61
C ASN A 747 11.48 -9.58 -15.14
N ALA A 748 10.47 -8.96 -15.76
CA ALA A 748 10.46 -8.83 -17.21
C ALA A 748 11.53 -7.85 -17.69
N VAL A 749 11.83 -6.83 -16.88
CA VAL A 749 12.84 -5.85 -17.25
C VAL A 749 14.21 -6.52 -17.27
N GLN A 750 14.94 -6.34 -18.38
CA GLN A 750 16.24 -6.97 -18.56
C GLN A 750 17.32 -5.95 -18.21
N ALA A 751 17.98 -6.17 -17.08
CA ALA A 751 19.03 -5.29 -16.59
C ALA A 751 20.28 -6.10 -16.30
N ARG A 752 21.44 -5.47 -16.52
CA ARG A 752 22.72 -6.15 -16.24
C ARG A 752 22.84 -6.49 -14.77
N PHE A 753 22.50 -5.55 -13.89
CA PHE A 753 22.57 -5.75 -12.45
C PHE A 753 21.26 -5.30 -11.83
N LYS A 754 20.75 -6.08 -10.88
CA LYS A 754 19.48 -5.78 -10.23
C LYS A 754 19.70 -5.75 -8.72
N VAL A 755 19.48 -4.59 -8.12
CA VAL A 755 19.66 -4.40 -6.69
C VAL A 755 18.29 -4.43 -6.02
N ALA A 756 18.11 -5.36 -5.09
CA ALA A 756 16.90 -5.42 -4.28
C ALA A 756 17.20 -4.77 -2.93
N CYS A 757 16.52 -3.68 -2.63
CA CYS A 757 16.81 -2.87 -1.46
C CYS A 757 15.60 -2.91 -0.53
N THR A 758 15.74 -3.60 0.59
CA THR A 758 14.70 -3.63 1.62
C THR A 758 15.33 -4.01 2.94
N GLY A 759 14.93 -3.32 4.00
CA GLY A 759 15.39 -3.67 5.33
C GLY A 759 14.76 -4.90 5.92
N THR A 760 13.65 -5.35 5.36
CA THR A 760 12.94 -6.56 5.81
C THR A 760 12.74 -7.46 4.61
N PRO A 761 13.77 -8.21 4.20
CA PRO A 761 13.60 -9.12 3.06
C PRO A 761 12.52 -10.16 3.27
N VAL A 762 12.34 -10.64 4.50
CA VAL A 762 11.32 -11.62 4.84
C VAL A 762 10.29 -10.95 5.74
N GLU A 763 9.04 -10.91 5.28
CA GLU A 763 7.94 -10.32 6.04
C GLU A 763 6.98 -11.36 6.59
N ASN A 764 6.60 -12.35 5.78
CA ASN A 764 5.70 -13.40 6.22
C ASN A 764 6.34 -14.78 6.16
N THR A 765 6.93 -15.14 5.01
CA THR A 765 7.57 -16.44 4.83
C THR A 765 8.86 -16.25 4.06
N LEU A 766 9.63 -17.33 3.96
CA LEU A 766 10.86 -17.31 3.17
C LEU A 766 10.60 -17.25 1.67
N VAL A 767 9.35 -17.43 1.26
CA VAL A 767 9.01 -17.24 -0.15
C VAL A 767 9.25 -15.80 -0.57
N ASP A 768 9.15 -14.87 0.37
CA ASP A 768 9.53 -13.48 0.09
C ASP A 768 11.00 -13.39 -0.29
N LEU A 769 11.87 -14.03 0.48
CA LEU A 769 13.29 -14.05 0.14
C LEU A 769 13.53 -14.74 -1.19
N TRP A 770 12.80 -15.82 -1.45
CA TRP A 770 12.94 -16.51 -2.73
C TRP A 770 12.58 -15.59 -3.88
N SER A 771 11.50 -14.83 -3.75
CA SER A 771 11.11 -13.88 -4.79
C SER A 771 12.17 -12.81 -4.97
N LEU A 772 12.70 -12.27 -3.86
CA LEU A 772 13.70 -11.22 -3.95
C LEU A 772 14.94 -11.71 -4.66
N PHE A 773 15.39 -12.92 -4.35
CA PHE A 773 16.61 -13.41 -4.99
C PHE A 773 16.36 -13.92 -6.40
N ASP A 774 15.14 -14.37 -6.70
CA ASP A 774 14.81 -14.70 -8.09
C ASP A 774 14.81 -13.44 -8.94
N PHE A 775 14.40 -12.31 -8.37
CA PHE A 775 14.57 -11.03 -9.05
C PHE A 775 16.05 -10.68 -9.18
N ALA A 776 16.80 -10.75 -8.08
CA ALA A 776 18.18 -10.31 -8.09
C ALA A 776 19.08 -11.30 -8.83
N GLN A 777 19.16 -12.54 -8.35
CA GLN A 777 20.03 -13.56 -8.92
C GLN A 777 19.18 -14.78 -9.25
N PRO A 778 18.60 -14.83 -10.45
CA PRO A 778 17.75 -15.97 -10.81
C PRO A 778 18.51 -17.28 -10.77
N GLY A 779 17.88 -18.30 -10.21
CA GLY A 779 18.46 -19.62 -10.12
C GLY A 779 19.37 -19.86 -8.94
N LEU A 780 19.66 -18.83 -8.14
CA LEU A 780 20.51 -19.04 -6.97
C LEU A 780 19.86 -19.98 -5.96
N LEU A 781 18.57 -19.77 -5.70
CA LEU A 781 17.82 -20.61 -4.76
C LEU A 781 17.07 -21.72 -5.46
N GLY A 782 17.21 -21.86 -6.78
CA GLY A 782 16.52 -22.90 -7.51
C GLY A 782 15.05 -22.58 -7.72
N ALA A 783 14.31 -23.62 -8.09
CA ALA A 783 12.87 -23.48 -8.30
C ALA A 783 12.16 -23.24 -6.98
N LEU A 784 10.96 -22.67 -7.07
CA LEU A 784 10.20 -22.35 -5.86
C LEU A 784 9.78 -23.61 -5.11
N ASN A 785 9.43 -24.67 -5.84
CA ASN A 785 9.06 -25.92 -5.18
C ASN A 785 10.25 -26.53 -4.45
N GLU A 786 11.43 -26.50 -5.07
CA GLU A 786 12.63 -27.01 -4.41
C GLU A 786 12.95 -26.18 -3.17
N PHE A 787 12.85 -24.86 -3.27
CA PHE A 787 13.10 -24.00 -2.12
C PHE A 787 12.11 -24.27 -1.00
N GLY A 788 10.83 -24.46 -1.35
CA GLY A 788 9.84 -24.75 -0.33
C GLY A 788 10.07 -26.08 0.35
N LYS A 789 10.34 -27.12 -0.42
CA LYS A 789 10.61 -28.44 0.16
C LYS A 789 11.97 -28.50 0.84
N GLN A 790 12.83 -27.51 0.64
CA GLN A 790 14.18 -27.54 1.19
C GLN A 790 14.41 -26.50 2.29
N TYR A 791 13.74 -25.36 2.23
CA TYR A 791 13.95 -24.29 3.20
C TYR A 791 12.70 -23.73 3.83
N VAL A 792 11.52 -23.96 3.25
CA VAL A 792 10.28 -23.44 3.82
C VAL A 792 9.62 -24.50 4.69
N ARG A 793 9.35 -25.66 4.11
CA ARG A 793 8.72 -26.74 4.87
C ARG A 793 9.56 -27.21 6.05
N PRO A 794 10.87 -27.45 5.92
CA PRO A 794 11.66 -27.79 7.12
C PRO A 794 11.64 -26.70 8.18
N ILE A 795 11.60 -25.43 7.79
CA ILE A 795 11.58 -24.34 8.74
C ILE A 795 10.16 -24.02 9.21
N GLU A 796 9.21 -23.97 8.30
CA GLU A 796 7.83 -23.63 8.64
C GLU A 796 6.94 -24.87 8.61
N THR A 803 18.25 -23.47 13.69
CA THR A 803 18.07 -24.59 12.76
C THR A 803 19.19 -24.58 11.72
N GLU A 804 19.59 -25.78 11.27
CA GLU A 804 20.67 -25.87 10.29
C GLU A 804 20.21 -25.44 8.91
N ARG A 805 18.91 -25.59 8.61
CA ARG A 805 18.39 -25.14 7.31
C ARG A 805 18.57 -23.64 7.14
N LEU A 806 18.25 -22.87 8.18
CA LEU A 806 18.47 -21.43 8.15
C LEU A 806 19.94 -21.07 8.02
N GLU A 807 20.83 -21.79 8.71
CA GLU A 807 22.26 -21.52 8.63
C GLU A 807 22.87 -21.92 7.30
N SER A 808 22.24 -22.83 6.56
CA SER A 808 22.66 -23.11 5.19
C SER A 808 22.10 -22.12 4.18
N LEU A 809 20.85 -21.69 4.36
CA LEU A 809 20.28 -20.66 3.51
C LEU A 809 21.05 -19.34 3.66
N ARG A 810 21.41 -19.00 4.89
CA ARG A 810 22.15 -17.78 5.19
C ARG A 810 23.55 -17.79 4.61
N ALA A 811 24.17 -18.96 4.47
CA ALA A 811 25.48 -19.08 3.84
C ALA A 811 25.37 -19.16 2.32
N LEU A 812 24.26 -19.65 1.79
CA LEU A 812 24.00 -19.62 0.36
C LEU A 812 23.68 -18.23 -0.17
N ILE A 813 22.98 -17.41 0.58
CA ILE A 813 22.66 -16.06 0.13
C ILE A 813 23.71 -15.04 0.58
N GLU A 814 24.65 -15.45 1.45
CA GLU A 814 25.64 -14.52 2.00
C GLU A 814 26.49 -13.80 0.96
N PRO A 815 27.03 -14.45 -0.07
CA PRO A 815 27.93 -13.73 -0.99
C PRO A 815 27.27 -12.58 -1.72
N GLN A 816 25.96 -12.58 -1.88
CA GLN A 816 25.26 -11.51 -2.59
C GLN A 816 24.25 -10.79 -1.71
N THR A 817 24.44 -10.83 -0.39
CA THR A 817 23.60 -10.11 0.56
C THR A 817 24.50 -9.27 1.45
N LEU A 818 24.14 -8.00 1.62
CA LEU A 818 24.87 -7.08 2.50
C LEU A 818 23.92 -6.65 3.59
N ARG A 819 23.92 -7.39 4.69
CA ARG A 819 23.04 -7.14 5.83
C ARG A 819 23.85 -6.52 6.95
N ARG A 820 23.54 -5.27 7.28
CA ARG A 820 24.18 -4.57 8.37
C ARG A 820 23.12 -3.90 9.23
N THR A 821 23.27 -4.01 10.54
CA THR A 821 22.32 -3.46 11.50
C THR A 821 22.91 -2.22 12.17
N LYS A 822 22.05 -1.49 12.88
CA LYS A 822 22.49 -0.27 13.55
C LYS A 822 23.42 -0.55 14.72
N GLU A 823 23.42 -1.77 15.25
CA GLU A 823 24.36 -2.11 16.31
C GLU A 823 25.76 -2.36 15.77
N GLU A 824 25.88 -2.88 14.55
CA GLU A 824 27.19 -3.05 13.93
C GLU A 824 27.82 -1.71 13.60
N VAL A 825 27.01 -0.71 13.28
CA VAL A 825 27.51 0.59 12.84
C VAL A 825 27.21 1.64 13.89
N ALA A 826 27.18 1.22 15.15
CA ALA A 826 26.81 2.09 16.27
C ALA A 826 27.82 3.21 16.50
N ARG A 827 29.00 3.13 15.89
CA ARG A 827 29.99 4.18 16.00
C ARG A 827 29.82 5.26 14.94
N ASP A 828 29.27 4.93 13.79
CA ASP A 828 28.90 5.92 12.78
C ASP A 828 27.45 6.35 13.00
N LEU A 829 27.18 6.70 14.26
CA LEU A 829 25.86 7.04 14.76
C LEU A 829 26.02 7.69 16.14
N PRO A 830 25.01 8.41 16.64
CA PRO A 830 25.09 8.89 18.03
C PRO A 830 24.97 7.74 19.01
N GLN A 831 25.17 8.01 20.29
CA GLN A 831 25.06 6.99 21.32
C GLN A 831 23.61 6.91 21.79
N LYS A 832 22.98 5.77 21.57
CA LYS A 832 21.59 5.55 21.95
C LYS A 832 21.58 4.95 23.35
N ILE A 833 21.07 5.71 24.32
CA ILE A 833 21.02 5.27 25.70
C ILE A 833 19.58 4.93 26.04
N GLU A 834 19.32 3.67 26.36
CA GLU A 834 18.02 3.22 26.80
C GLU A 834 17.97 3.35 28.33
N VAL A 835 17.20 4.32 28.81
CA VAL A 835 17.18 4.63 30.24
C VAL A 835 16.46 3.51 30.98
N GLU A 836 17.09 3.01 32.04
CA GLU A 836 16.53 1.92 32.83
C GLU A 836 15.67 2.43 33.99
N SER A 837 15.88 3.67 34.44
CA SER A 837 15.12 4.18 35.57
C SER A 837 13.64 4.31 35.26
N CYS A 838 13.31 4.61 34.00
CA CYS A 838 11.91 4.77 33.62
C CYS A 838 11.14 3.46 33.60
N LYS A 839 11.84 2.33 33.50
CA LYS A 839 11.19 1.04 33.37
C LYS A 839 10.85 0.40 34.71
N GLN A 840 11.07 1.10 35.82
CA GLN A 840 10.86 0.56 37.16
C GLN A 840 9.72 1.25 37.88
N LEU A 841 8.74 1.77 37.14
CA LEU A 841 7.60 2.43 37.76
C LEU A 841 6.69 1.41 38.42
N THR A 842 5.93 1.87 39.40
CA THR A 842 5.12 1.00 40.25
C THR A 842 3.64 1.39 40.16
N LEU A 843 2.78 0.38 40.05
CA LEU A 843 1.34 0.61 40.12
C LEU A 843 0.98 1.22 41.45
N SER A 844 0.16 2.27 41.43
CA SER A 844 -0.40 2.79 42.65
C SER A 844 -1.52 1.87 43.12
N GLY A 845 -1.90 2.04 44.39
CA GLY A 845 -2.97 1.21 44.94
C GLY A 845 -4.28 1.36 44.17
N VAL A 846 -4.61 2.60 43.80
CA VAL A 846 -5.82 2.85 43.01
C VAL A 846 -5.68 2.23 41.62
N GLN A 847 -4.53 2.44 40.98
CA GLN A 847 -4.30 1.86 39.66
C GLN A 847 -4.27 0.34 39.71
N LYS A 848 -3.63 -0.22 40.75
CA LYS A 848 -3.58 -1.67 40.90
C LYS A 848 -4.97 -2.25 41.08
N GLN A 849 -5.79 -1.62 41.94
CA GLN A 849 -7.13 -2.15 42.16
C GLN A 849 -8.00 -1.98 40.92
N LEU A 850 -7.83 -0.90 40.17
CA LEU A 850 -8.58 -0.75 38.92
C LEU A 850 -8.20 -1.83 37.92
N TYR A 851 -6.90 -2.12 37.79
CA TYR A 851 -6.47 -3.17 36.88
C TYR A 851 -6.98 -4.54 37.29
N LEU A 852 -6.90 -4.85 38.59
CA LEU A 852 -7.40 -6.13 39.07
C LEU A 852 -8.91 -6.25 38.87
N SER A 853 -9.65 -5.16 39.12
CA SER A 853 -11.09 -5.19 38.90
C SER A 853 -11.41 -5.40 37.43
N SER A 854 -10.68 -4.73 36.54
CA SER A 854 -10.91 -4.91 35.10
C SER A 854 -10.65 -6.34 34.68
N VAL A 855 -9.54 -6.92 35.14
CA VAL A 855 -9.21 -8.29 34.76
C VAL A 855 -10.26 -9.26 35.31
N ALA A 856 -10.68 -9.04 36.56
CA ALA A 856 -11.69 -9.92 37.16
C ALA A 856 -13.01 -9.83 36.42
N ASN A 857 -13.44 -8.61 36.06
CA ASN A 857 -14.68 -8.45 35.33
C ASN A 857 -14.61 -9.10 33.95
N TRP A 858 -13.48 -8.95 33.26
CA TRP A 858 -13.34 -9.58 31.96
C TRP A 858 -13.38 -11.10 32.08
N GLN A 859 -12.70 -11.66 33.08
CA GLN A 859 -12.72 -13.11 33.28
C GLN A 859 -14.13 -13.59 33.62
N GLN A 860 -14.86 -12.85 34.46
CA GLN A 860 -16.23 -13.24 34.79
C GLN A 860 -17.13 -13.19 33.57
N GLN A 861 -16.98 -12.16 32.73
CA GLN A 861 -17.79 -12.09 31.52
C GLN A 861 -17.46 -13.22 30.56
N GLN A 862 -16.17 -13.55 30.42
CA GLN A 862 -15.80 -14.65 29.53
C GLN A 862 -16.28 -16.00 30.06
N ALA A 863 -16.26 -16.18 31.38
CA ALA A 863 -16.75 -17.43 31.97
C ALA A 863 -18.24 -17.61 31.68
N LEU A 864 -19.01 -16.53 31.80
CA LEU A 864 -20.45 -16.59 31.53
C LEU A 864 -20.72 -16.55 30.02
N GLY A 874 -12.70 -9.69 22.12
CA GLY A 874 -12.87 -9.89 23.54
C GLY A 874 -11.62 -9.60 24.34
N MET A 875 -10.55 -10.35 24.07
CA MET A 875 -9.29 -10.13 24.75
C MET A 875 -8.64 -8.82 24.31
N LEU A 876 -8.86 -8.41 23.07
CA LEU A 876 -8.26 -7.16 22.59
C LEU A 876 -8.80 -5.96 23.36
N GLY A 877 -10.10 -5.98 23.68
CA GLY A 877 -10.65 -4.91 24.49
C GLY A 877 -10.05 -4.86 25.88
N LEU A 878 -9.85 -6.03 26.50
CA LEU A 878 -9.21 -6.08 27.81
C LEU A 878 -7.78 -5.55 27.73
N LEU A 879 -7.05 -5.92 26.69
CA LEU A 879 -5.67 -5.44 26.54
C LEU A 879 -5.63 -3.94 26.35
N HIS A 880 -6.57 -3.40 25.56
CA HIS A 880 -6.64 -1.95 25.40
C HIS A 880 -6.97 -1.25 26.71
N ARG A 881 -7.90 -1.81 27.48
CA ARG A 881 -8.25 -1.22 28.77
C ARG A 881 -7.07 -1.26 29.73
N LEU A 882 -6.32 -2.36 29.74
CA LEU A 882 -5.15 -2.44 30.61
C LEU A 882 -4.05 -1.48 30.16
N LYS A 883 -3.89 -1.31 28.85
CA LYS A 883 -2.93 -0.33 28.34
C LYS A 883 -3.31 1.09 28.77
N LEU A 884 -4.61 1.40 28.74
CA LEU A 884 -5.06 2.71 29.20
C LEU A 884 -4.92 2.85 30.72
N ILE A 885 -5.16 1.79 31.48
CA ILE A 885 -5.00 1.85 32.93
C ILE A 885 -3.56 2.11 33.30
N CYS A 886 -2.63 1.38 32.66
CA CYS A 886 -1.22 1.55 33.00
C CYS A 886 -0.70 2.92 32.57
N ALA A 887 -1.14 3.39 31.40
CA ALA A 887 -0.64 4.67 30.89
C ALA A 887 -1.23 5.84 31.68
N HIS A 888 -2.55 5.97 31.67
CA HIS A 888 -3.23 7.06 32.36
C HIS A 888 -4.55 6.53 32.90
N PRO A 889 -4.60 6.15 34.18
CA PRO A 889 -5.85 5.62 34.74
C PRO A 889 -7.00 6.61 34.76
N ALA A 890 -6.71 7.91 34.68
CA ALA A 890 -7.77 8.91 34.68
C ALA A 890 -8.63 8.82 33.41
N ILE A 891 -8.03 8.39 32.30
CA ILE A 891 -8.81 8.18 31.08
C ILE A 891 -9.84 7.07 31.27
N VAL A 892 -9.43 5.97 31.90
CA VAL A 892 -10.36 4.88 32.17
C VAL A 892 -11.41 5.31 33.18
N ASN A 893 -11.00 6.01 34.22
CA ASN A 893 -11.91 6.45 35.28
C ASN A 893 -11.62 7.90 35.64
N PRO A 894 -12.57 8.81 35.41
CA PRO A 894 -12.29 10.24 35.62
C PRO A 894 -12.38 10.66 37.08
N GLU A 895 -12.37 9.69 38.00
CA GLU A 895 -12.41 10.01 39.41
C GLU A 895 -11.14 10.74 39.83
N PRO A 896 -11.24 11.61 40.84
CA PRO A 896 -10.05 12.35 41.29
C PRO A 896 -8.92 11.46 41.79
N ARG A 897 -9.24 10.25 42.28
CA ARG A 897 -8.19 9.35 42.75
C ARG A 897 -7.24 8.96 41.63
N PHE A 898 -7.78 8.68 40.44
CA PHE A 898 -6.95 8.28 39.31
C PHE A 898 -6.20 9.45 38.69
N ARG A 899 -6.65 10.68 38.92
CA ARG A 899 -5.98 11.83 38.32
C ARG A 899 -4.65 12.11 38.99
N ASP A 900 -4.58 11.95 40.31
CA ASP A 900 -3.37 12.24 41.08
C ASP A 900 -2.51 11.00 41.32
N ASN A 901 -2.90 9.85 40.79
CA ASN A 901 -2.21 8.59 41.04
C ASN A 901 -1.81 7.92 39.73
N SER A 902 -1.19 8.70 38.84
CA SER A 902 -0.66 8.17 37.59
C SER A 902 0.87 8.20 37.66
N PRO A 903 1.52 7.09 38.00
CA PRO A 903 2.98 7.11 38.13
C PRO A 903 3.71 7.47 36.85
N LYS A 904 3.19 7.07 35.69
CA LYS A 904 3.88 7.38 34.44
C LYS A 904 3.81 8.86 34.13
N LEU A 905 2.67 9.51 34.40
CA LEU A 905 2.57 10.95 34.18
C LEU A 905 3.47 11.71 35.15
N ASN A 906 3.54 11.26 36.41
CA ASN A 906 4.45 11.89 37.37
C ASN A 906 5.90 11.76 36.92
N TRP A 907 6.28 10.57 36.46
CA TRP A 907 7.63 10.38 35.93
C TRP A 907 7.88 11.28 34.74
N LEU A 908 6.89 11.41 33.84
CA LEU A 908 7.05 12.25 32.67
C LEU A 908 7.29 13.70 33.07
N LEU A 909 6.47 14.21 33.98
CA LEU A 909 6.63 15.60 34.41
C LEU A 909 7.97 15.80 35.11
N LYS A 910 8.38 14.86 35.96
CA LYS A 910 9.64 14.98 36.68
C LYS A 910 10.82 15.01 35.72
N ILE A 911 10.85 14.08 34.76
CA ILE A 911 11.99 14.02 33.85
C ILE A 911 11.97 15.19 32.87
N LEU A 912 10.78 15.68 32.50
CA LEU A 912 10.72 16.87 31.65
C LEU A 912 11.25 18.09 32.39
N ALA A 913 10.93 18.21 33.68
CA ALA A 913 11.52 19.28 34.48
C ALA A 913 13.03 19.14 34.55
N GLU A 914 13.52 17.91 34.73
CA GLU A 914 14.96 17.69 34.78
C GLU A 914 15.64 18.08 33.47
N ILE A 915 15.02 17.70 32.34
CA ILE A 915 15.58 18.04 31.03
C ILE A 915 15.56 19.55 30.83
N LYS A 916 14.47 20.21 31.22
CA LYS A 916 14.36 21.66 31.06
C LYS A 916 15.41 22.39 31.88
N HIS A 917 15.63 21.94 33.13
CA HIS A 917 16.55 22.63 34.02
C HIS A 917 17.99 22.17 33.88
N THR A 918 18.26 21.11 33.11
CA THR A 918 19.60 20.57 32.99
C THR A 918 20.24 20.87 31.63
N SER A 919 19.59 20.49 30.54
CA SER A 919 20.21 20.58 29.22
C SER A 919 19.42 21.37 28.20
N LYS A 920 18.16 21.73 28.46
CA LYS A 920 17.32 22.46 27.52
C LYS A 920 17.22 21.73 26.19
N ASP A 921 17.04 20.41 26.25
CA ASP A 921 16.90 19.59 25.06
C ASP A 921 15.44 19.49 24.63
N LYS A 922 15.24 19.05 23.40
CA LYS A 922 13.90 18.83 22.86
C LYS A 922 13.51 17.37 23.03
N VAL A 923 12.22 17.15 23.33
CA VAL A 923 11.71 15.85 23.71
C VAL A 923 10.60 15.45 22.74
N ILE A 924 10.64 14.20 22.30
CA ILE A 924 9.57 13.62 21.49
C ILE A 924 8.85 12.59 22.35
N ILE A 925 7.55 12.76 22.50
CA ILE A 925 6.71 11.82 23.24
C ILE A 925 5.86 11.07 22.23
N PHE A 926 6.03 9.75 22.18
CA PHE A 926 5.33 8.91 21.22
C PHE A 926 4.13 8.27 21.89
N THR A 927 2.93 8.58 21.40
CA THR A 927 1.71 7.95 21.87
C THR A 927 0.67 8.07 20.75
N GLU A 928 -0.07 6.99 20.52
CA GLU A 928 -1.03 6.92 19.44
C GLU A 928 -2.45 7.30 19.86
N LEU A 929 -2.73 7.28 21.16
CA LEU A 929 -4.07 7.55 21.66
C LEU A 929 -4.31 9.06 21.67
N ARG A 930 -5.38 9.49 20.99
CA ARG A 930 -5.67 10.92 20.89
C ARG A 930 -5.99 11.52 22.25
N ASP A 931 -6.82 10.83 23.03
CA ASP A 931 -7.18 11.35 24.35
C ASP A 931 -5.96 11.42 25.26
N LEU A 932 -5.09 10.41 25.19
CA LEU A 932 -3.86 10.45 25.97
C LEU A 932 -2.94 11.56 25.49
N GLN A 933 -2.89 11.81 24.18
CA GLN A 933 -2.12 12.93 23.67
C GLN A 933 -2.63 14.26 24.22
N ARG A 934 -3.95 14.43 24.26
CA ARG A 934 -4.52 15.65 24.82
C ARG A 934 -4.21 15.78 26.31
N GLU A 935 -4.29 14.66 27.05
CA GLU A 935 -3.99 14.71 28.47
C GLU A 935 -2.53 15.09 28.72
N LEU A 936 -1.61 14.48 27.96
CA LEU A 936 -0.19 14.82 28.10
C LEU A 936 0.06 16.27 27.74
N GLN A 937 -0.58 16.75 26.67
CA GLN A 937 -0.42 18.15 26.27
C GLN A 937 -0.92 19.08 27.37
N HIS A 938 -2.07 18.76 27.98
CA HIS A 938 -2.59 19.60 29.05
C HIS A 938 -1.67 19.61 30.26
N ALA A 939 -1.15 18.44 30.65
CA ALA A 939 -0.25 18.38 31.80
C ALA A 939 1.04 19.16 31.53
N ILE A 940 1.60 19.01 30.33
CA ILE A 940 2.81 19.75 29.98
C ILE A 940 2.55 21.24 29.94
N HIS A 941 1.39 21.64 29.44
CA HIS A 941 1.04 23.06 29.44
C HIS A 941 0.90 23.60 30.86
N GLN A 942 0.26 22.84 31.73
CA GLN A 942 0.08 23.29 33.11
C GLN A 942 1.42 23.42 33.84
N ASN A 943 2.30 22.43 33.67
CA ASN A 943 3.54 22.40 34.44
C ASN A 943 4.69 23.14 33.77
N PHE A 944 4.56 23.55 32.52
CA PHE A 944 5.66 24.17 31.81
C PHE A 944 5.29 25.40 31.00
N GLY A 945 4.01 25.75 30.88
CA GLY A 945 3.61 27.00 30.28
C GLY A 945 3.52 27.03 28.77
N PHE A 946 3.62 25.88 28.10
CA PHE A 946 3.44 25.84 26.65
C PHE A 946 2.79 24.53 26.27
N ARG A 947 2.00 24.57 25.19
CA ARG A 947 1.28 23.40 24.72
C ARG A 947 2.10 22.69 23.65
N PRO A 948 2.56 21.46 23.89
CA PRO A 948 3.24 20.72 22.84
C PRO A 948 2.32 20.46 21.66
N VAL A 949 2.88 20.50 20.46
CA VAL A 949 2.10 20.31 19.23
C VAL A 949 1.88 18.83 19.00
N ILE A 950 0.63 18.43 18.85
CA ILE A 950 0.28 17.03 18.60
C ILE A 950 0.17 16.82 17.10
N ILE A 951 0.90 15.82 16.59
CA ILE A 951 0.89 15.49 15.17
C ILE A 951 0.59 14.00 15.04
N ASN A 952 -0.51 13.68 14.36
CA ASN A 952 -0.91 12.29 14.14
C ASN A 952 -0.97 11.89 12.67
N GLY A 953 -0.99 12.85 11.75
CA GLY A 953 -1.03 12.51 10.34
C GLY A 953 0.33 12.18 9.78
N ASP A 954 0.32 11.47 8.66
CA ASP A 954 1.54 11.05 7.98
C ASP A 954 2.02 12.16 7.04
N SER A 955 3.00 11.83 6.20
CA SER A 955 3.57 12.79 5.26
C SER A 955 3.33 12.36 3.82
N SER A 956 2.12 11.87 3.55
CA SER A 956 1.77 11.42 2.21
C SER A 956 1.55 12.63 1.30
N THR A 957 1.11 12.36 0.07
CA THR A 957 0.87 13.44 -0.89
C THR A 957 -0.41 14.20 -0.53
N LYS A 958 -0.36 14.95 0.55
CA LYS A 958 -1.47 15.75 1.06
C LYS A 958 -0.99 17.14 1.42
N SER A 959 -0.28 17.77 0.48
CA SER A 959 0.40 19.05 0.73
C SER A 959 -0.51 20.11 1.30
N GLN A 960 -1.84 19.97 1.16
CA GLN A 960 -2.74 20.91 1.81
C GLN A 960 -2.59 20.85 3.32
N SER A 961 -2.28 19.67 3.87
CA SER A 961 -2.01 19.52 5.29
C SER A 961 -0.62 18.93 5.59
N GLN A 962 -0.02 18.22 4.63
CA GLN A 962 1.33 17.71 4.83
C GLN A 962 2.33 18.84 4.97
N ASN A 963 2.16 19.91 4.17
CA ASN A 963 3.01 21.08 4.33
C ASN A 963 2.81 21.73 5.70
N SER A 964 1.57 21.75 6.19
CA SER A 964 1.31 22.30 7.53
C SER A 964 2.00 21.47 8.60
N ARG A 965 1.93 20.14 8.49
CA ARG A 965 2.60 19.28 9.47
C ARG A 965 4.12 19.46 9.42
N GLN A 966 4.69 19.54 8.21
CA GLN A 966 6.12 19.78 8.10
C GLN A 966 6.50 21.14 8.67
N ARG A 967 5.66 22.15 8.46
CA ARG A 967 5.91 23.47 9.03
C ARG A 967 5.87 23.43 10.55
N LEU A 968 4.93 22.68 11.12
CA LEU A 968 4.89 22.53 12.57
C LEU A 968 6.14 21.84 13.09
N ILE A 969 6.59 20.81 12.39
CA ILE A 969 7.82 20.11 12.79
C ILE A 969 9.01 21.07 12.74
N ASP A 970 9.11 21.85 11.67
CA ASP A 970 10.22 22.77 11.51
C ASP A 970 10.18 23.88 12.56
N ASP A 971 8.98 24.37 12.89
CA ASP A 971 8.86 25.38 13.93
C ASP A 971 9.26 24.83 15.29
N PHE A 972 8.89 23.57 15.57
CA PHE A 972 9.33 22.94 16.81
C PHE A 972 10.84 22.81 16.86
N GLN A 973 11.45 22.38 15.75
CA GLN A 973 12.90 22.18 15.73
C GLN A 973 13.65 23.51 15.82
N ALA A 974 13.10 24.57 15.23
CA ALA A 974 13.78 25.86 15.19
C ALA A 974 13.63 26.65 16.47
N GLN A 975 12.70 26.28 17.34
CA GLN A 975 12.51 27.01 18.58
C GLN A 975 13.71 26.80 19.51
N PRO A 976 14.39 27.86 19.95
CA PRO A 976 15.56 27.68 20.80
C PRO A 976 15.19 27.13 22.18
N GLY A 977 16.13 26.40 22.76
CA GLY A 977 15.96 25.94 24.12
C GLY A 977 15.07 24.70 24.25
N PHE A 978 14.44 24.59 25.41
CA PHE A 978 13.62 23.44 25.74
C PHE A 978 12.35 23.40 24.88
N GLY A 979 11.90 22.18 24.59
CA GLY A 979 10.68 21.99 23.83
C GLY A 979 10.20 20.56 23.85
N VAL A 980 8.89 20.35 23.73
CA VAL A 980 8.28 19.03 23.71
C VAL A 980 7.29 18.96 22.56
N ILE A 981 7.31 17.84 21.83
CA ILE A 981 6.36 17.58 20.76
C ILE A 981 5.78 16.19 20.98
N ILE A 982 4.49 16.05 20.72
CA ILE A 982 3.77 14.80 20.94
C ILE A 982 3.44 14.22 19.57
N LEU A 983 4.32 13.37 19.06
CA LEU A 983 4.10 12.67 17.80
C LEU A 983 3.40 11.34 18.04
N SER A 984 3.11 10.65 16.95
CA SER A 984 2.61 9.28 17.01
C SER A 984 3.47 8.40 16.12
N THR A 985 3.52 7.11 16.45
CA THR A 985 4.36 6.18 15.70
C THR A 985 3.91 6.07 14.26
N VAL A 986 2.59 6.12 14.01
CA VAL A 986 2.09 6.05 12.65
C VAL A 986 2.35 7.34 11.89
N ALA A 987 2.51 8.47 12.58
CA ALA A 987 2.74 9.73 11.89
C ALA A 987 4.13 9.78 11.27
N VAL A 988 5.14 9.30 11.98
CA VAL A 988 6.50 9.37 11.48
C VAL A 988 6.69 8.40 10.31
N GLY A 989 7.72 8.64 9.51
CA GLY A 989 8.01 7.81 8.36
C GLY A 989 8.98 8.44 7.38
N PHE A 990 8.70 8.26 6.09
CA PHE A 990 9.57 8.77 5.05
C PHE A 990 9.60 10.29 5.06
N GLY A 991 10.79 10.86 4.81
CA GLY A 991 10.93 12.29 4.67
C GLY A 991 10.63 13.10 5.92
N VAL A 992 10.50 12.47 7.07
CA VAL A 992 10.22 13.16 8.33
C VAL A 992 11.31 12.77 9.32
N ASN A 993 11.93 13.78 9.94
CA ASN A 993 12.95 13.53 10.94
C ASN A 993 12.98 14.69 11.92
N VAL A 994 13.31 14.39 13.16
CA VAL A 994 13.51 15.42 14.18
C VAL A 994 14.90 15.21 14.78
N GLN A 995 15.91 15.86 14.21
CA GLN A 995 17.29 15.72 14.66
C GLN A 995 17.67 16.74 15.72
N LYS A 996 16.78 17.69 16.02
CA LYS A 996 17.00 18.65 17.09
C LYS A 996 16.54 18.13 18.45
N ALA A 997 15.91 16.95 18.48
CA ALA A 997 15.45 16.34 19.73
C ALA A 997 16.33 15.13 20.04
N ASN A 998 16.69 14.99 21.31
CA ASN A 998 17.51 13.89 21.78
C ASN A 998 16.76 12.87 22.61
N HIS A 999 15.71 13.28 23.30
CA HIS A 999 14.99 12.41 24.22
C HIS A 999 13.74 11.88 23.53
N VAL A 1000 13.63 10.56 23.44
CA VAL A 1000 12.49 9.88 22.83
C VAL A 1000 11.76 9.12 23.93
N ILE A 1001 10.49 9.46 24.12
CA ILE A 1001 9.66 8.86 25.16
C ILE A 1001 8.53 8.09 24.49
N HIS A 1002 8.46 6.80 24.76
CA HIS A 1002 7.37 5.96 24.26
C HIS A 1002 6.38 5.77 25.42
N PHE A 1003 5.50 6.76 25.56
CA PHE A 1003 4.53 6.74 26.66
C PHE A 1003 3.63 5.51 26.56
N THR A 1004 3.10 5.25 25.37
CA THR A 1004 2.43 4.01 25.05
C THR A 1004 3.20 3.31 23.94
N ARG A 1005 3.38 2.01 24.09
CA ARG A 1005 4.23 1.23 23.19
C ARG A 1005 3.38 0.46 22.19
N CYS A 1006 3.89 0.36 20.96
CA CYS A 1006 3.21 -0.39 19.91
C CYS A 1006 3.40 -1.89 20.14
N TRP A 1007 2.76 -2.68 19.29
CA TRP A 1007 2.89 -4.13 19.33
C TRP A 1007 3.80 -4.65 18.22
N ASN A 1008 4.54 -3.79 17.55
CA ASN A 1008 5.48 -4.19 16.51
C ASN A 1008 6.79 -3.47 16.78
N PRO A 1009 7.87 -4.20 17.09
CA PRO A 1009 9.15 -3.55 17.38
C PRO A 1009 9.70 -2.75 16.21
N ALA A 1010 9.36 -3.11 14.97
CA ALA A 1010 9.84 -2.35 13.82
C ALA A 1010 9.29 -0.93 13.84
N LYS A 1011 8.02 -0.77 14.18
CA LYS A 1011 7.43 0.57 14.27
C LYS A 1011 8.10 1.39 15.37
N GLU A 1012 8.36 0.78 16.52
CA GLU A 1012 9.05 1.48 17.60
C GLU A 1012 10.44 1.90 17.17
N ASP A 1013 11.17 1.01 16.49
CA ASP A 1013 12.49 1.35 15.98
C ASP A 1013 12.45 2.47 14.96
N GLN A 1014 11.51 2.45 14.03
CA GLN A 1014 11.38 3.53 13.04
C GLN A 1014 10.96 4.85 13.67
N ALA A 1015 10.16 4.83 14.74
CA ALA A 1015 9.82 6.04 15.46
C ALA A 1015 10.98 6.59 16.27
N THR A 1016 11.74 5.73 16.94
CA THR A 1016 12.95 6.17 17.62
C THR A 1016 14.01 6.65 16.64
N ASP A 1017 13.99 6.17 15.41
CA ASP A 1017 14.92 6.60 14.37
C ASP A 1017 14.49 7.89 13.70
N ARG A 1018 13.66 8.69 14.36
CA ARG A 1018 13.46 10.09 13.99
C ARG A 1018 14.46 11.00 14.67
N ALA A 1019 14.91 10.64 15.87
CA ALA A 1019 15.99 11.35 16.56
C ALA A 1019 17.31 10.62 16.40
N TYR A 1020 17.29 9.31 16.62
CA TYR A 1020 18.48 8.48 16.43
C TYR A 1020 18.73 8.29 14.93
N ARG A 1021 19.62 9.11 14.38
CA ARG A 1021 19.81 9.20 12.93
C ARG A 1021 21.24 9.65 12.64
N ILE A 1022 21.60 9.59 11.37
CA ILE A 1022 22.81 10.23 10.88
C ILE A 1022 22.55 11.74 10.82
N GLY A 1023 23.42 12.51 11.46
CA GLY A 1023 23.18 13.92 11.64
C GLY A 1023 22.63 14.30 13.00
N GLN A 1024 22.64 13.38 13.96
CA GLN A 1024 22.23 13.65 15.34
C GLN A 1024 23.49 13.89 16.15
N THR A 1025 23.69 15.13 16.58
CA THR A 1025 24.94 15.58 17.19
C THR A 1025 24.99 15.35 18.70
N LYS A 1026 23.94 14.78 19.29
CA LYS A 1026 23.91 14.57 20.73
C LYS A 1026 23.42 13.16 21.01
N ASN A 1027 23.73 12.68 22.22
CA ASN A 1027 23.28 11.35 22.62
C ASN A 1027 21.76 11.27 22.62
N VAL A 1028 21.25 10.12 22.21
CA VAL A 1028 19.82 9.87 22.15
C VAL A 1028 19.43 9.07 23.39
N TYR A 1029 18.50 9.62 24.17
CA TYR A 1029 18.01 8.96 25.38
C TYR A 1029 16.60 8.43 25.08
N VAL A 1030 16.50 7.10 25.01
CA VAL A 1030 15.23 6.45 24.69
C VAL A 1030 14.59 6.00 25.99
N TYR A 1031 13.35 6.45 26.23
CA TYR A 1031 12.63 6.16 27.44
C TYR A 1031 11.49 5.19 27.14
N TYR A 1032 11.37 4.14 27.96
CA TYR A 1032 10.29 3.18 27.86
C TYR A 1032 9.62 3.08 29.23
N PRO A 1033 8.85 4.10 29.63
CA PRO A 1033 8.23 4.06 30.95
C PRO A 1033 7.32 2.85 31.12
N THR A 1034 7.71 1.94 32.00
CA THR A 1034 7.00 0.69 32.22
C THR A 1034 6.54 0.63 33.66
N VAL A 1035 5.26 0.39 33.87
CA VAL A 1035 4.69 0.26 35.21
C VAL A 1035 4.72 -1.21 35.59
N ARG A 1036 5.35 -1.51 36.72
CA ARG A 1036 5.51 -2.88 37.19
C ARG A 1036 4.91 -3.03 38.58
N ASP A 1037 4.52 -4.26 38.90
CA ASP A 1037 3.97 -4.58 40.22
C ASP A 1037 4.73 -5.78 40.79
N THR A 1038 4.92 -5.76 42.10
CA THR A 1038 5.67 -6.82 42.76
C THR A 1038 4.89 -8.12 42.86
N GLU A 1039 3.57 -8.08 42.73
CA GLU A 1039 2.75 -9.28 42.77
C GLU A 1039 1.99 -9.55 41.49
N ILE A 1040 1.90 -8.58 40.57
CA ILE A 1040 1.11 -8.69 39.36
C ILE A 1040 2.02 -8.42 38.17
N THR A 1041 1.98 -9.30 37.17
CA THR A 1041 2.68 -9.06 35.91
C THR A 1041 1.77 -8.17 35.06
N THR A 1042 2.06 -6.87 35.06
CA THR A 1042 1.19 -5.91 34.41
C THR A 1042 1.25 -6.08 32.89
N PHE A 1043 0.32 -5.40 32.20
CA PHE A 1043 0.30 -5.43 30.75
C PHE A 1043 1.59 -4.85 30.18
N GLU A 1044 2.10 -3.78 30.80
CA GLU A 1044 3.28 -3.12 30.25
C GLU A 1044 4.54 -3.96 30.43
N GLU A 1045 4.64 -4.69 31.54
CA GLU A 1045 5.79 -5.58 31.74
C GLU A 1045 5.81 -6.70 30.71
N THR A 1046 4.65 -7.34 30.50
CA THR A 1046 4.54 -8.38 29.49
C THR A 1046 4.80 -7.82 28.10
N LEU A 1047 4.29 -6.62 27.82
CA LEU A 1047 4.52 -6.00 26.52
C LEU A 1047 6.00 -5.71 26.30
N ASP A 1048 6.70 -5.23 27.34
CA ASP A 1048 8.12 -4.96 27.22
C ASP A 1048 8.90 -6.25 26.97
N ASP A 1049 8.57 -7.32 27.70
CA ASP A 1049 9.26 -8.59 27.49
C ASP A 1049 9.00 -9.13 26.08
N LEU A 1050 7.74 -9.09 25.64
CA LEU A 1050 7.41 -9.56 24.31
C LEU A 1050 8.10 -8.76 23.23
N LEU A 1051 8.16 -7.43 23.39
CA LEU A 1051 8.81 -6.60 22.40
C LEU A 1051 10.31 -6.82 22.37
N GLN A 1052 10.92 -7.05 23.55
CA GLN A 1052 12.34 -7.37 23.57
C GLN A 1052 12.62 -8.68 22.84
N ARG A 1053 11.81 -9.71 23.10
CA ARG A 1053 12.00 -10.99 22.40
C ARG A 1053 11.78 -10.84 20.90
N ARG A 1054 10.74 -10.10 20.50
CA ARG A 1054 10.45 -9.92 19.08
C ARG A 1054 11.54 -9.12 18.39
N ARG A 1055 12.10 -8.11 19.06
CA ARG A 1055 13.20 -7.35 18.48
C ARG A 1055 14.44 -8.22 18.34
N ALA A 1056 14.74 -9.05 19.35
CA ALA A 1056 15.88 -9.96 19.26
C ALA A 1056 15.71 -10.91 18.09
N LEU A 1057 14.50 -11.43 17.88
CA LEU A 1057 14.23 -12.26 16.72
C LEU A 1057 14.36 -11.47 15.43
N ALA A 1058 13.89 -10.23 15.42
CA ALA A 1058 13.91 -9.39 14.23
C ALA A 1058 15.32 -8.97 13.84
N ARG A 1059 16.29 -9.08 14.75
CA ARG A 1059 17.67 -8.86 14.36
C ARG A 1059 18.09 -9.81 13.24
N ASP A 1060 17.55 -11.02 13.23
CA ASP A 1060 17.80 -11.96 12.15
C ASP A 1060 17.13 -11.49 10.86
N MET A 1061 17.85 -11.59 9.74
CA MET A 1061 17.31 -11.15 8.47
C MET A 1061 16.28 -12.12 7.92
N LEU A 1062 16.44 -13.42 8.19
CA LEU A 1062 15.59 -14.46 7.63
C LEU A 1062 14.39 -14.77 8.50
N CYS A 1063 14.10 -13.94 9.49
CA CYS A 1063 13.00 -14.17 10.42
C CYS A 1063 11.92 -13.12 10.22
N ALA A 1064 10.68 -13.58 10.08
CA ALA A 1064 9.55 -12.67 9.94
C ALA A 1064 9.23 -12.03 11.30
N THR A 1065 8.61 -10.85 11.24
CA THR A 1065 8.31 -10.04 12.42
C THR A 1065 6.83 -9.71 12.46
N PRO A 1066 5.99 -10.69 12.82
CA PRO A 1066 4.57 -10.40 12.96
C PRO A 1066 4.29 -9.56 14.19
N ASP A 1067 3.21 -8.78 14.13
CA ASP A 1067 2.80 -7.99 15.27
C ASP A 1067 2.26 -8.89 16.39
N LEU A 1068 2.35 -8.39 17.62
CA LEU A 1068 1.81 -9.11 18.75
C LEU A 1068 0.29 -9.19 18.65
N ASN A 1069 -0.26 -10.28 19.16
CA ASN A 1069 -1.71 -10.51 19.17
C ASN A 1069 -2.16 -10.80 20.59
N CYS A 1070 -3.48 -10.98 20.75
CA CYS A 1070 -4.04 -11.27 22.07
C CYS A 1070 -3.53 -12.60 22.60
N ALA A 1071 -3.17 -13.53 21.72
CA ALA A 1071 -2.64 -14.81 22.17
C ALA A 1071 -1.25 -14.67 22.78
N ASP A 1072 -0.48 -13.68 22.34
CA ASP A 1072 0.85 -13.45 22.91
C ASP A 1072 0.78 -12.90 24.33
N PHE A 1073 -0.36 -12.32 24.72
CA PHE A 1073 -0.54 -11.76 26.05
C PHE A 1073 -1.35 -12.68 26.97
N GLU A 1074 -1.39 -13.98 26.66
CA GLU A 1074 -2.18 -14.90 27.49
C GLU A 1074 -1.39 -15.32 28.72
N THR A 1075 -0.87 -14.33 29.45
CA THR A 1075 -0.30 -14.55 30.77
C THR A 1075 -0.86 -13.61 31.83
N ILE A 1076 -1.52 -12.51 31.43
CA ILE A 1076 -2.17 -11.64 32.40
C ILE A 1076 -3.34 -12.37 33.05
N LEU A 1077 -4.04 -13.22 32.29
CA LEU A 1077 -5.12 -14.01 32.85
C LEU A 1077 -4.64 -14.95 33.95
N LYS A 1078 -3.36 -15.32 33.95
CA LYS A 1078 -2.79 -16.11 35.03
C LYS A 1078 -2.52 -15.29 36.28
N GLY A 1079 -2.60 -13.97 36.20
CA GLY A 1079 -2.32 -13.11 37.33
C GLY A 1079 -1.26 -12.08 37.02
#